data_1LYP
# 
_entry.id   1LYP 
# 
_audit_conform.dict_name       mmcif_pdbx.dic 
_audit_conform.dict_version    5.392 
_audit_conform.dict_location   http://mmcif.pdb.org/dictionaries/ascii/mmcif_pdbx.dic 
# 
loop_
_database_2.database_id 
_database_2.database_code 
_database_2.pdbx_database_accession 
_database_2.pdbx_DOI 
PDB   1LYP         pdb_00001lyp 10.2210/pdb1lyp/pdb 
WWPDB D_1000174869 ?            ?                   
# 
loop_
_pdbx_audit_revision_history.ordinal 
_pdbx_audit_revision_history.data_content_type 
_pdbx_audit_revision_history.major_revision 
_pdbx_audit_revision_history.minor_revision 
_pdbx_audit_revision_history.revision_date 
1 'Structure model' 1 0 1995-03-31 
2 'Structure model' 1 1 2008-03-24 
3 'Structure model' 1 2 2011-07-13 
4 'Structure model' 1 3 2022-02-23 
5 'Structure model' 1 4 2024-05-22 
# 
_pdbx_audit_revision_details.ordinal             1 
_pdbx_audit_revision_details.revision_ordinal    1 
_pdbx_audit_revision_details.data_content_type   'Structure model' 
_pdbx_audit_revision_details.provider            repository 
_pdbx_audit_revision_details.type                'Initial release' 
_pdbx_audit_revision_details.description         ? 
_pdbx_audit_revision_details.details             ? 
# 
loop_
_pdbx_audit_revision_group.ordinal 
_pdbx_audit_revision_group.revision_ordinal 
_pdbx_audit_revision_group.data_content_type 
_pdbx_audit_revision_group.group 
1 2 'Structure model' 'Version format compliance' 
2 3 'Structure model' 'Version format compliance' 
3 4 'Structure model' 'Database references'       
4 4 'Structure model' 'Derived calculations'      
5 4 'Structure model' Other                       
6 5 'Structure model' 'Data collection'           
# 
loop_
_pdbx_audit_revision_category.ordinal 
_pdbx_audit_revision_category.revision_ordinal 
_pdbx_audit_revision_category.data_content_type 
_pdbx_audit_revision_category.category 
1 4 'Structure model' database_2            
2 4 'Structure model' pdbx_database_status  
3 4 'Structure model' pdbx_struct_assembly  
4 4 'Structure model' pdbx_struct_oper_list 
5 5 'Structure model' chem_comp_atom        
6 5 'Structure model' chem_comp_bond        
# 
loop_
_pdbx_audit_revision_item.ordinal 
_pdbx_audit_revision_item.revision_ordinal 
_pdbx_audit_revision_item.data_content_type 
_pdbx_audit_revision_item.item 
1 4 'Structure model' '_database_2.pdbx_DOI'                
2 4 'Structure model' '_database_2.pdbx_database_accession' 
3 4 'Structure model' '_pdbx_database_status.process_site'  
# 
_pdbx_database_status.status_code                     REL 
_pdbx_database_status.entry_id                        1LYP 
_pdbx_database_status.recvd_initial_deposition_date   1995-01-12 
_pdbx_database_status.deposit_site                    ? 
_pdbx_database_status.process_site                    BNL 
_pdbx_database_status.status_code_sf                  ? 
_pdbx_database_status.status_code_mr                  REL 
_pdbx_database_status.SG_entry                        ? 
_pdbx_database_status.pdb_format_compatible           Y 
_pdbx_database_status.status_code_cs                  ? 
_pdbx_database_status.status_code_nmr_data            ? 
_pdbx_database_status.methods_development_category    ? 
# 
loop_
_audit_author.name 
_audit_author.pdbx_ordinal 
'Chen, C.'     1 
'Huang, T.-H.' 2 
# 
loop_
_citation.id 
_citation.title 
_citation.journal_abbrev 
_citation.journal_volume 
_citation.page_first 
_citation.page_last 
_citation.year 
_citation.journal_id_ASTM 
_citation.country 
_citation.journal_id_ISSN 
_citation.journal_id_CSD 
_citation.book_publisher 
_citation.pdbx_database_id_PubMed 
_citation.pdbx_database_id_DOI 
primary 'The solution structure of the active domain of CAP18--a lipopolysaccharide binding protein from rabbit leukocytes.' 
'FEBS Lett.'                370 46  52 1995 FEBLAL NE 0014-5793 0165 ? 7649303 '10.1016/0014-5793(95)00792-8' 
1       'CAP18: A Novel Lps Binding(Slash)Antimicrobial Protein'                                                             
'To be Published'           ?   ?   ?  ?    ?      ?  ?         0353 ? ?       ?                              
2       'Complementary DNA Sequence of Rabbit CAP18-A Unique Lipopolysaccharide Binding Protein'                             
Biochem.Biophys.Res.Commun. 179 170 ?  1991 BBRCA9 US 0006-291X 0146 ? ?       ?                              
# 
loop_
_citation_author.citation_id 
_citation_author.name 
_citation_author.ordinal 
_citation_author.identifier_ORCID 
primary 'Chen, C.'      1  ? 
primary 'Brock, R.'     2  ? 
primary 'Luh, F.'       3  ? 
primary 'Chou, P.J.'    4  ? 
primary 'Larrick, J.W.' 5  ? 
primary 'Huang, R.F.'   6  ? 
primary 'Huang, T.H.'   7  ? 
1       'Larrick, J.W.' 8  ? 
1       'Hirata, M.'    9  ? 
1       'Balint, R.F.'  10 ? 
1       'Huang, T.-H.'  11 ? 
1       'Chen, C.'      12 ? 
1       'Zhong, J.'     13 ? 
1       'Wright, S.C.'  14 ? 
2       'Larrick, J.W.' 15 ? 
2       'Morgan, J.G.'  16 ? 
2       'Palings, I.'   17 ? 
2       'Hirata, M.'    18 ? 
2       'Yen, M.H.'     19 ? 
# 
_entity.id                         1 
_entity.type                       polymer 
_entity.src_method                 man 
_entity.pdbx_description           CAP18 
_entity.formula_weight             3813.825 
_entity.pdbx_number_of_molecules   1 
_entity.pdbx_ec                    ? 
_entity.pdbx_mutation              ? 
_entity.pdbx_fragment              ? 
_entity.details                    ? 
# 
_entity_poly.entity_id                      1 
_entity_poly.type                           'polypeptide(L)' 
_entity_poly.nstd_linkage                   no 
_entity_poly.nstd_monomer                   no 
_entity_poly.pdbx_seq_one_letter_code       GLRKRLRKFRNKIKEKLKKIGQKIQGLLPKLA 
_entity_poly.pdbx_seq_one_letter_code_can   GLRKRLRKFRNKIKEKLKKIGQKIQGLLPKLA 
_entity_poly.pdbx_strand_id                 A 
_entity_poly.pdbx_target_identifier         ? 
# 
loop_
_entity_poly_seq.entity_id 
_entity_poly_seq.num 
_entity_poly_seq.mon_id 
_entity_poly_seq.hetero 
1 1  GLY n 
1 2  LEU n 
1 3  ARG n 
1 4  LYS n 
1 5  ARG n 
1 6  LEU n 
1 7  ARG n 
1 8  LYS n 
1 9  PHE n 
1 10 ARG n 
1 11 ASN n 
1 12 LYS n 
1 13 ILE n 
1 14 LYS n 
1 15 GLU n 
1 16 LYS n 
1 17 LEU n 
1 18 LYS n 
1 19 LYS n 
1 20 ILE n 
1 21 GLY n 
1 22 GLN n 
1 23 LYS n 
1 24 ILE n 
1 25 GLN n 
1 26 GLY n 
1 27 LEU n 
1 28 LEU n 
1 29 PRO n 
1 30 LYS n 
1 31 LEU n 
1 32 ALA n 
# 
_entity_src_gen.entity_id                          1 
_entity_src_gen.pdbx_src_id                        1 
_entity_src_gen.pdbx_alt_source_flag               sample 
_entity_src_gen.pdbx_seq_type                      ? 
_entity_src_gen.pdbx_beg_seq_num                   ? 
_entity_src_gen.pdbx_end_seq_num                   ? 
_entity_src_gen.gene_src_common_name               rabbit 
_entity_src_gen.gene_src_genus                     Oryctolagus 
_entity_src_gen.pdbx_gene_src_gene                 ? 
_entity_src_gen.gene_src_species                   ? 
_entity_src_gen.gene_src_strain                    ? 
_entity_src_gen.gene_src_tissue                    ? 
_entity_src_gen.gene_src_tissue_fraction           ? 
_entity_src_gen.gene_src_details                   ? 
_entity_src_gen.pdbx_gene_src_fragment             ? 
_entity_src_gen.pdbx_gene_src_scientific_name      'Oryctolagus cuniculus' 
_entity_src_gen.pdbx_gene_src_ncbi_taxonomy_id     9986 
_entity_src_gen.pdbx_gene_src_variant              ? 
_entity_src_gen.pdbx_gene_src_cell_line            ? 
_entity_src_gen.pdbx_gene_src_atcc                 ? 
_entity_src_gen.pdbx_gene_src_organ                ? 
_entity_src_gen.pdbx_gene_src_organelle            ? 
_entity_src_gen.pdbx_gene_src_cell                 ? 
_entity_src_gen.pdbx_gene_src_cellular_location    ? 
_entity_src_gen.host_org_common_name               ? 
_entity_src_gen.pdbx_host_org_scientific_name      ? 
_entity_src_gen.pdbx_host_org_ncbi_taxonomy_id     ? 
_entity_src_gen.host_org_genus                     ? 
_entity_src_gen.pdbx_host_org_gene                 ? 
_entity_src_gen.pdbx_host_org_organ                ? 
_entity_src_gen.host_org_species                   ? 
_entity_src_gen.pdbx_host_org_tissue               ? 
_entity_src_gen.pdbx_host_org_tissue_fraction      ? 
_entity_src_gen.pdbx_host_org_strain               ? 
_entity_src_gen.pdbx_host_org_variant              ? 
_entity_src_gen.pdbx_host_org_cell_line            ? 
_entity_src_gen.pdbx_host_org_atcc                 ? 
_entity_src_gen.pdbx_host_org_culture_collection   ? 
_entity_src_gen.pdbx_host_org_cell                 ? 
_entity_src_gen.pdbx_host_org_organelle            ? 
_entity_src_gen.pdbx_host_org_cellular_location    ? 
_entity_src_gen.pdbx_host_org_vector_type          ? 
_entity_src_gen.pdbx_host_org_vector               ? 
_entity_src_gen.host_org_details                   ? 
_entity_src_gen.expression_system_id               ? 
_entity_src_gen.plasmid_name                       ? 
_entity_src_gen.plasmid_details                    ? 
_entity_src_gen.pdbx_description                   ? 
# 
loop_
_chem_comp.id 
_chem_comp.type 
_chem_comp.mon_nstd_flag 
_chem_comp.name 
_chem_comp.pdbx_synonyms 
_chem_comp.formula 
_chem_comp.formula_weight 
ALA 'L-peptide linking' y ALANINE         ? 'C3 H7 N O2'     89.093  
ARG 'L-peptide linking' y ARGININE        ? 'C6 H15 N4 O2 1' 175.209 
ASN 'L-peptide linking' y ASPARAGINE      ? 'C4 H8 N2 O3'    132.118 
GLN 'L-peptide linking' y GLUTAMINE       ? 'C5 H10 N2 O3'   146.144 
GLU 'L-peptide linking' y 'GLUTAMIC ACID' ? 'C5 H9 N O4'     147.129 
GLY 'peptide linking'   y GLYCINE         ? 'C2 H5 N O2'     75.067  
ILE 'L-peptide linking' y ISOLEUCINE      ? 'C6 H13 N O2'    131.173 
LEU 'L-peptide linking' y LEUCINE         ? 'C6 H13 N O2'    131.173 
LYS 'L-peptide linking' y LYSINE          ? 'C6 H15 N2 O2 1' 147.195 
PHE 'L-peptide linking' y PHENYLALANINE   ? 'C9 H11 N O2'    165.189 
PRO 'L-peptide linking' y PROLINE         ? 'C5 H9 N O2'     115.130 
# 
loop_
_pdbx_poly_seq_scheme.asym_id 
_pdbx_poly_seq_scheme.entity_id 
_pdbx_poly_seq_scheme.seq_id 
_pdbx_poly_seq_scheme.mon_id 
_pdbx_poly_seq_scheme.ndb_seq_num 
_pdbx_poly_seq_scheme.pdb_seq_num 
_pdbx_poly_seq_scheme.auth_seq_num 
_pdbx_poly_seq_scheme.pdb_mon_id 
_pdbx_poly_seq_scheme.auth_mon_id 
_pdbx_poly_seq_scheme.pdb_strand_id 
_pdbx_poly_seq_scheme.pdb_ins_code 
_pdbx_poly_seq_scheme.hetero 
A 1 1  GLY 1  1  1  GLY GLY A . n 
A 1 2  LEU 2  2  2  LEU LEU A . n 
A 1 3  ARG 3  3  3  ARG ARG A . n 
A 1 4  LYS 4  4  4  LYS LYS A . n 
A 1 5  ARG 5  5  5  ARG ARG A . n 
A 1 6  LEU 6  6  6  LEU LEU A . n 
A 1 7  ARG 7  7  7  ARG ARG A . n 
A 1 8  LYS 8  8  8  LYS LYS A . n 
A 1 9  PHE 9  9  9  PHE PHE A . n 
A 1 10 ARG 10 10 10 ARG ARG A . n 
A 1 11 ASN 11 11 11 ASN ASN A . n 
A 1 12 LYS 12 12 12 LYS LYS A . n 
A 1 13 ILE 13 13 13 ILE ILE A . n 
A 1 14 LYS 14 14 14 LYS LYS A . n 
A 1 15 GLU 15 15 15 GLU GLU A . n 
A 1 16 LYS 16 16 16 LYS LYS A . n 
A 1 17 LEU 17 17 17 LEU LEU A . n 
A 1 18 LYS 18 18 18 LYS LYS A . n 
A 1 19 LYS 19 19 19 LYS LYS A . n 
A 1 20 ILE 20 20 20 ILE ILE A . n 
A 1 21 GLY 21 21 21 GLY GLY A . n 
A 1 22 GLN 22 22 22 GLN GLN A . n 
A 1 23 LYS 23 23 23 LYS LYS A . n 
A 1 24 ILE 24 24 24 ILE ILE A . n 
A 1 25 GLN 25 25 25 GLN GLN A . n 
A 1 26 GLY 26 26 26 GLY GLY A . n 
A 1 27 LEU 27 27 27 LEU LEU A . n 
A 1 28 LEU 28 28 28 LEU LEU A . n 
A 1 29 PRO 29 29 29 PRO PRO A . n 
A 1 30 LYS 30 30 30 LYS LYS A . n 
A 1 31 LEU 31 31 31 LEU LEU A . n 
A 1 32 ALA 32 32 32 ALA ALA A . n 
# 
loop_
_software.name 
_software.classification 
_software.version 
_software.citation_id 
_software.pdbx_ordinal 
X-PLOR 'model building' . ? 1 
X-PLOR refinement       . ? 2 
X-PLOR phasing          . ? 3 
# 
_cell.entry_id           1LYP 
_cell.length_a           1.000 
_cell.length_b           1.000 
_cell.length_c           1.000 
_cell.angle_alpha        90.00 
_cell.angle_beta         90.00 
_cell.angle_gamma        90.00 
_cell.Z_PDB              1 
_cell.pdbx_unique_axis   ? 
# 
_symmetry.entry_id                         1LYP 
_symmetry.space_group_name_H-M             'P 1' 
_symmetry.pdbx_full_space_group_name_H-M   ? 
_symmetry.cell_setting                     ? 
_symmetry.Int_Tables_number                1 
# 
_exptl.entry_id          1LYP 
_exptl.method            'SOLUTION NMR' 
_exptl.crystals_number   ? 
# 
_struct.entry_id                  1LYP 
_struct.title                     
'THE SOLUTION STRUCTURE OF THE ACTIVE DOMAIN OF CAP18: A LIPOPOLYSACCHARIDE BINDING PROTEIN FROM RABBIT LEUKOCYTES' 
_struct.pdbx_model_details        ? 
_struct.pdbx_CASP_flag            ? 
_struct.pdbx_model_type_details   ? 
# 
_struct_keywords.entry_id        1LYP 
_struct_keywords.pdbx_keywords   'LIPOPOLYSACCHARIDE-BINDING PROTEIN' 
_struct_keywords.text            'LIPOPOLYSACCHARIDE-BINDING PROTEIN' 
# 
_struct_asym.id                            A 
_struct_asym.pdbx_blank_PDB_chainid_flag   Y 
_struct_asym.pdbx_modified                 N 
_struct_asym.entity_id                     1 
_struct_asym.details                       ? 
# 
_struct_ref.id                         1 
_struct_ref.db_name                    UNP 
_struct_ref.db_code                    CAP18_RABIT 
_struct_ref.entity_id                  1 
_struct_ref.pdbx_db_accession          P25230 
_struct_ref.pdbx_align_begin           1 
_struct_ref.pdbx_seq_one_letter_code   
;METHKHGPSLAWWSLLLLLLGLLMPPAIAQDLTYREAVLRAVDAFNQQSSEANLYRLLSMDPQQLEDAKPYTPQPVSFTV
KETECPRTTWKLPEQCDFKEDGLVKRCVGTVTRYQAWDSFDIRCNRAQESPEPTGLRKRLRKFRNKIKEKLKKIGQKIQG
LLPKLAPRTDY
;
_struct_ref.pdbx_db_isoform            ? 
# 
_struct_ref_seq.align_id                      1 
_struct_ref_seq.ref_id                        1 
_struct_ref_seq.pdbx_PDB_id_code              1LYP 
_struct_ref_seq.pdbx_strand_id                A 
_struct_ref_seq.seq_align_beg                 1 
_struct_ref_seq.pdbx_seq_align_beg_ins_code   ? 
_struct_ref_seq.seq_align_end                 32 
_struct_ref_seq.pdbx_seq_align_end_ins_code   ? 
_struct_ref_seq.pdbx_db_accession             P25230 
_struct_ref_seq.db_align_beg                  135 
_struct_ref_seq.pdbx_db_align_beg_ins_code    ? 
_struct_ref_seq.db_align_end                  166 
_struct_ref_seq.pdbx_db_align_end_ins_code    ? 
_struct_ref_seq.pdbx_auth_seq_align_beg       1 
_struct_ref_seq.pdbx_auth_seq_align_end       32 
# 
_pdbx_struct_assembly.id                   1 
_pdbx_struct_assembly.details              author_defined_assembly 
_pdbx_struct_assembly.method_details       ? 
_pdbx_struct_assembly.oligomeric_details   monomeric 
_pdbx_struct_assembly.oligomeric_count     1 
# 
_pdbx_struct_assembly_gen.assembly_id       1 
_pdbx_struct_assembly_gen.oper_expression   1 
_pdbx_struct_assembly_gen.asym_id_list      A 
# 
_pdbx_struct_oper_list.id                   1 
_pdbx_struct_oper_list.type                 'identity operation' 
_pdbx_struct_oper_list.name                 1_555 
_pdbx_struct_oper_list.symmetry_operation   x,y,z 
_pdbx_struct_oper_list.matrix[1][1]         1.0000000000 
_pdbx_struct_oper_list.matrix[1][2]         0.0000000000 
_pdbx_struct_oper_list.matrix[1][3]         0.0000000000 
_pdbx_struct_oper_list.vector[1]            0.0000000000 
_pdbx_struct_oper_list.matrix[2][1]         0.0000000000 
_pdbx_struct_oper_list.matrix[2][2]         1.0000000000 
_pdbx_struct_oper_list.matrix[2][3]         0.0000000000 
_pdbx_struct_oper_list.vector[2]            0.0000000000 
_pdbx_struct_oper_list.matrix[3][1]         0.0000000000 
_pdbx_struct_oper_list.matrix[3][2]         0.0000000000 
_pdbx_struct_oper_list.matrix[3][3]         1.0000000000 
_pdbx_struct_oper_list.vector[3]            0.0000000000 
# 
_struct_biol.id   1 
# 
_struct_conf.conf_type_id            HELX_P 
_struct_conf.id                      HELX_P1 
_struct_conf.pdbx_PDB_helix_id       A 
_struct_conf.beg_label_comp_id       GLY 
_struct_conf.beg_label_asym_id       A 
_struct_conf.beg_label_seq_id        1 
_struct_conf.pdbx_beg_PDB_ins_code   ? 
_struct_conf.end_label_comp_id       ALA 
_struct_conf.end_label_asym_id       A 
_struct_conf.end_label_seq_id        32 
_struct_conf.pdbx_end_PDB_ins_code   ? 
_struct_conf.beg_auth_comp_id        GLY 
_struct_conf.beg_auth_asym_id        A 
_struct_conf.beg_auth_seq_id         1 
_struct_conf.end_auth_comp_id        ALA 
_struct_conf.end_auth_asym_id        A 
_struct_conf.end_auth_seq_id         32 
_struct_conf.pdbx_PDB_helix_class    1 
_struct_conf.details                 ? 
_struct_conf.pdbx_PDB_helix_length   32 
# 
_struct_conf_type.id          HELX_P 
_struct_conf_type.criteria    ? 
_struct_conf_type.reference   ? 
# 
_pdbx_validate_torsion.id              1 
_pdbx_validate_torsion.PDB_model_num   1 
_pdbx_validate_torsion.auth_comp_id    ARG 
_pdbx_validate_torsion.auth_asym_id    A 
_pdbx_validate_torsion.auth_seq_id     10 
_pdbx_validate_torsion.PDB_ins_code    ? 
_pdbx_validate_torsion.label_alt_id    ? 
_pdbx_validate_torsion.phi             -59.33 
_pdbx_validate_torsion.psi             -6.52 
# 
loop_
_pdbx_validate_planes.id 
_pdbx_validate_planes.PDB_model_num 
_pdbx_validate_planes.auth_comp_id 
_pdbx_validate_planes.auth_asym_id 
_pdbx_validate_planes.auth_seq_id 
_pdbx_validate_planes.PDB_ins_code 
_pdbx_validate_planes.label_alt_id 
_pdbx_validate_planes.rmsd 
_pdbx_validate_planes.type 
1 1 ARG A 3  ? ? 0.230 'SIDE CHAIN' 
2 1 ARG A 5  ? ? 0.254 'SIDE CHAIN' 
3 1 ARG A 7  ? ? 0.319 'SIDE CHAIN' 
4 1 ARG A 10 ? ? 0.080 'SIDE CHAIN' 
# 
_pdbx_nmr_ensemble.entry_id                             1LYP 
_pdbx_nmr_ensemble.conformers_calculated_total_number   ? 
_pdbx_nmr_ensemble.conformers_submitted_total_number    1 
_pdbx_nmr_ensemble.conformer_selection_criteria         ? 
# 
_pdbx_nmr_software.classification   refinement 
_pdbx_nmr_software.name             X-PLOR 
_pdbx_nmr_software.version          ? 
_pdbx_nmr_software.authors          BRUNGER 
_pdbx_nmr_software.ordinal          1 
# 
loop_
_chem_comp_atom.comp_id 
_chem_comp_atom.atom_id 
_chem_comp_atom.type_symbol 
_chem_comp_atom.pdbx_aromatic_flag 
_chem_comp_atom.pdbx_stereo_config 
_chem_comp_atom.pdbx_ordinal 
ALA N    N N N 1   
ALA CA   C N S 2   
ALA C    C N N 3   
ALA O    O N N 4   
ALA CB   C N N 5   
ALA OXT  O N N 6   
ALA H    H N N 7   
ALA H2   H N N 8   
ALA HA   H N N 9   
ALA HB1  H N N 10  
ALA HB2  H N N 11  
ALA HB3  H N N 12  
ALA HXT  H N N 13  
ARG N    N N N 14  
ARG CA   C N S 15  
ARG C    C N N 16  
ARG O    O N N 17  
ARG CB   C N N 18  
ARG CG   C N N 19  
ARG CD   C N N 20  
ARG NE   N N N 21  
ARG CZ   C N N 22  
ARG NH1  N N N 23  
ARG NH2  N N N 24  
ARG OXT  O N N 25  
ARG H    H N N 26  
ARG H2   H N N 27  
ARG HA   H N N 28  
ARG HB2  H N N 29  
ARG HB3  H N N 30  
ARG HG2  H N N 31  
ARG HG3  H N N 32  
ARG HD2  H N N 33  
ARG HD3  H N N 34  
ARG HE   H N N 35  
ARG HH11 H N N 36  
ARG HH12 H N N 37  
ARG HH21 H N N 38  
ARG HH22 H N N 39  
ARG HXT  H N N 40  
ASN N    N N N 41  
ASN CA   C N S 42  
ASN C    C N N 43  
ASN O    O N N 44  
ASN CB   C N N 45  
ASN CG   C N N 46  
ASN OD1  O N N 47  
ASN ND2  N N N 48  
ASN OXT  O N N 49  
ASN H    H N N 50  
ASN H2   H N N 51  
ASN HA   H N N 52  
ASN HB2  H N N 53  
ASN HB3  H N N 54  
ASN HD21 H N N 55  
ASN HD22 H N N 56  
ASN HXT  H N N 57  
GLN N    N N N 58  
GLN CA   C N S 59  
GLN C    C N N 60  
GLN O    O N N 61  
GLN CB   C N N 62  
GLN CG   C N N 63  
GLN CD   C N N 64  
GLN OE1  O N N 65  
GLN NE2  N N N 66  
GLN OXT  O N N 67  
GLN H    H N N 68  
GLN H2   H N N 69  
GLN HA   H N N 70  
GLN HB2  H N N 71  
GLN HB3  H N N 72  
GLN HG2  H N N 73  
GLN HG3  H N N 74  
GLN HE21 H N N 75  
GLN HE22 H N N 76  
GLN HXT  H N N 77  
GLU N    N N N 78  
GLU CA   C N S 79  
GLU C    C N N 80  
GLU O    O N N 81  
GLU CB   C N N 82  
GLU CG   C N N 83  
GLU CD   C N N 84  
GLU OE1  O N N 85  
GLU OE2  O N N 86  
GLU OXT  O N N 87  
GLU H    H N N 88  
GLU H2   H N N 89  
GLU HA   H N N 90  
GLU HB2  H N N 91  
GLU HB3  H N N 92  
GLU HG2  H N N 93  
GLU HG3  H N N 94  
GLU HE2  H N N 95  
GLU HXT  H N N 96  
GLY N    N N N 97  
GLY CA   C N N 98  
GLY C    C N N 99  
GLY O    O N N 100 
GLY OXT  O N N 101 
GLY H    H N N 102 
GLY H2   H N N 103 
GLY HA2  H N N 104 
GLY HA3  H N N 105 
GLY HXT  H N N 106 
ILE N    N N N 107 
ILE CA   C N S 108 
ILE C    C N N 109 
ILE O    O N N 110 
ILE CB   C N S 111 
ILE CG1  C N N 112 
ILE CG2  C N N 113 
ILE CD1  C N N 114 
ILE OXT  O N N 115 
ILE H    H N N 116 
ILE H2   H N N 117 
ILE HA   H N N 118 
ILE HB   H N N 119 
ILE HG12 H N N 120 
ILE HG13 H N N 121 
ILE HG21 H N N 122 
ILE HG22 H N N 123 
ILE HG23 H N N 124 
ILE HD11 H N N 125 
ILE HD12 H N N 126 
ILE HD13 H N N 127 
ILE HXT  H N N 128 
LEU N    N N N 129 
LEU CA   C N S 130 
LEU C    C N N 131 
LEU O    O N N 132 
LEU CB   C N N 133 
LEU CG   C N N 134 
LEU CD1  C N N 135 
LEU CD2  C N N 136 
LEU OXT  O N N 137 
LEU H    H N N 138 
LEU H2   H N N 139 
LEU HA   H N N 140 
LEU HB2  H N N 141 
LEU HB3  H N N 142 
LEU HG   H N N 143 
LEU HD11 H N N 144 
LEU HD12 H N N 145 
LEU HD13 H N N 146 
LEU HD21 H N N 147 
LEU HD22 H N N 148 
LEU HD23 H N N 149 
LEU HXT  H N N 150 
LYS N    N N N 151 
LYS CA   C N S 152 
LYS C    C N N 153 
LYS O    O N N 154 
LYS CB   C N N 155 
LYS CG   C N N 156 
LYS CD   C N N 157 
LYS CE   C N N 158 
LYS NZ   N N N 159 
LYS OXT  O N N 160 
LYS H    H N N 161 
LYS H2   H N N 162 
LYS HA   H N N 163 
LYS HB2  H N N 164 
LYS HB3  H N N 165 
LYS HG2  H N N 166 
LYS HG3  H N N 167 
LYS HD2  H N N 168 
LYS HD3  H N N 169 
LYS HE2  H N N 170 
LYS HE3  H N N 171 
LYS HZ1  H N N 172 
LYS HZ2  H N N 173 
LYS HZ3  H N N 174 
LYS HXT  H N N 175 
PHE N    N N N 176 
PHE CA   C N S 177 
PHE C    C N N 178 
PHE O    O N N 179 
PHE CB   C N N 180 
PHE CG   C Y N 181 
PHE CD1  C Y N 182 
PHE CD2  C Y N 183 
PHE CE1  C Y N 184 
PHE CE2  C Y N 185 
PHE CZ   C Y N 186 
PHE OXT  O N N 187 
PHE H    H N N 188 
PHE H2   H N N 189 
PHE HA   H N N 190 
PHE HB2  H N N 191 
PHE HB3  H N N 192 
PHE HD1  H N N 193 
PHE HD2  H N N 194 
PHE HE1  H N N 195 
PHE HE2  H N N 196 
PHE HZ   H N N 197 
PHE HXT  H N N 198 
PRO N    N N N 199 
PRO CA   C N S 200 
PRO C    C N N 201 
PRO O    O N N 202 
PRO CB   C N N 203 
PRO CG   C N N 204 
PRO CD   C N N 205 
PRO OXT  O N N 206 
PRO H    H N N 207 
PRO HA   H N N 208 
PRO HB2  H N N 209 
PRO HB3  H N N 210 
PRO HG2  H N N 211 
PRO HG3  H N N 212 
PRO HD2  H N N 213 
PRO HD3  H N N 214 
PRO HXT  H N N 215 
# 
loop_
_chem_comp_bond.comp_id 
_chem_comp_bond.atom_id_1 
_chem_comp_bond.atom_id_2 
_chem_comp_bond.value_order 
_chem_comp_bond.pdbx_aromatic_flag 
_chem_comp_bond.pdbx_stereo_config 
_chem_comp_bond.pdbx_ordinal 
ALA N   CA   sing N N 1   
ALA N   H    sing N N 2   
ALA N   H2   sing N N 3   
ALA CA  C    sing N N 4   
ALA CA  CB   sing N N 5   
ALA CA  HA   sing N N 6   
ALA C   O    doub N N 7   
ALA C   OXT  sing N N 8   
ALA CB  HB1  sing N N 9   
ALA CB  HB2  sing N N 10  
ALA CB  HB3  sing N N 11  
ALA OXT HXT  sing N N 12  
ARG N   CA   sing N N 13  
ARG N   H    sing N N 14  
ARG N   H2   sing N N 15  
ARG CA  C    sing N N 16  
ARG CA  CB   sing N N 17  
ARG CA  HA   sing N N 18  
ARG C   O    doub N N 19  
ARG C   OXT  sing N N 20  
ARG CB  CG   sing N N 21  
ARG CB  HB2  sing N N 22  
ARG CB  HB3  sing N N 23  
ARG CG  CD   sing N N 24  
ARG CG  HG2  sing N N 25  
ARG CG  HG3  sing N N 26  
ARG CD  NE   sing N N 27  
ARG CD  HD2  sing N N 28  
ARG CD  HD3  sing N N 29  
ARG NE  CZ   sing N N 30  
ARG NE  HE   sing N N 31  
ARG CZ  NH1  sing N N 32  
ARG CZ  NH2  doub N N 33  
ARG NH1 HH11 sing N N 34  
ARG NH1 HH12 sing N N 35  
ARG NH2 HH21 sing N N 36  
ARG NH2 HH22 sing N N 37  
ARG OXT HXT  sing N N 38  
ASN N   CA   sing N N 39  
ASN N   H    sing N N 40  
ASN N   H2   sing N N 41  
ASN CA  C    sing N N 42  
ASN CA  CB   sing N N 43  
ASN CA  HA   sing N N 44  
ASN C   O    doub N N 45  
ASN C   OXT  sing N N 46  
ASN CB  CG   sing N N 47  
ASN CB  HB2  sing N N 48  
ASN CB  HB3  sing N N 49  
ASN CG  OD1  doub N N 50  
ASN CG  ND2  sing N N 51  
ASN ND2 HD21 sing N N 52  
ASN ND2 HD22 sing N N 53  
ASN OXT HXT  sing N N 54  
GLN N   CA   sing N N 55  
GLN N   H    sing N N 56  
GLN N   H2   sing N N 57  
GLN CA  C    sing N N 58  
GLN CA  CB   sing N N 59  
GLN CA  HA   sing N N 60  
GLN C   O    doub N N 61  
GLN C   OXT  sing N N 62  
GLN CB  CG   sing N N 63  
GLN CB  HB2  sing N N 64  
GLN CB  HB3  sing N N 65  
GLN CG  CD   sing N N 66  
GLN CG  HG2  sing N N 67  
GLN CG  HG3  sing N N 68  
GLN CD  OE1  doub N N 69  
GLN CD  NE2  sing N N 70  
GLN NE2 HE21 sing N N 71  
GLN NE2 HE22 sing N N 72  
GLN OXT HXT  sing N N 73  
GLU N   CA   sing N N 74  
GLU N   H    sing N N 75  
GLU N   H2   sing N N 76  
GLU CA  C    sing N N 77  
GLU CA  CB   sing N N 78  
GLU CA  HA   sing N N 79  
GLU C   O    doub N N 80  
GLU C   OXT  sing N N 81  
GLU CB  CG   sing N N 82  
GLU CB  HB2  sing N N 83  
GLU CB  HB3  sing N N 84  
GLU CG  CD   sing N N 85  
GLU CG  HG2  sing N N 86  
GLU CG  HG3  sing N N 87  
GLU CD  OE1  doub N N 88  
GLU CD  OE2  sing N N 89  
GLU OE2 HE2  sing N N 90  
GLU OXT HXT  sing N N 91  
GLY N   CA   sing N N 92  
GLY N   H    sing N N 93  
GLY N   H2   sing N N 94  
GLY CA  C    sing N N 95  
GLY CA  HA2  sing N N 96  
GLY CA  HA3  sing N N 97  
GLY C   O    doub N N 98  
GLY C   OXT  sing N N 99  
GLY OXT HXT  sing N N 100 
ILE N   CA   sing N N 101 
ILE N   H    sing N N 102 
ILE N   H2   sing N N 103 
ILE CA  C    sing N N 104 
ILE CA  CB   sing N N 105 
ILE CA  HA   sing N N 106 
ILE C   O    doub N N 107 
ILE C   OXT  sing N N 108 
ILE CB  CG1  sing N N 109 
ILE CB  CG2  sing N N 110 
ILE CB  HB   sing N N 111 
ILE CG1 CD1  sing N N 112 
ILE CG1 HG12 sing N N 113 
ILE CG1 HG13 sing N N 114 
ILE CG2 HG21 sing N N 115 
ILE CG2 HG22 sing N N 116 
ILE CG2 HG23 sing N N 117 
ILE CD1 HD11 sing N N 118 
ILE CD1 HD12 sing N N 119 
ILE CD1 HD13 sing N N 120 
ILE OXT HXT  sing N N 121 
LEU N   CA   sing N N 122 
LEU N   H    sing N N 123 
LEU N   H2   sing N N 124 
LEU CA  C    sing N N 125 
LEU CA  CB   sing N N 126 
LEU CA  HA   sing N N 127 
LEU C   O    doub N N 128 
LEU C   OXT  sing N N 129 
LEU CB  CG   sing N N 130 
LEU CB  HB2  sing N N 131 
LEU CB  HB3  sing N N 132 
LEU CG  CD1  sing N N 133 
LEU CG  CD2  sing N N 134 
LEU CG  HG   sing N N 135 
LEU CD1 HD11 sing N N 136 
LEU CD1 HD12 sing N N 137 
LEU CD1 HD13 sing N N 138 
LEU CD2 HD21 sing N N 139 
LEU CD2 HD22 sing N N 140 
LEU CD2 HD23 sing N N 141 
LEU OXT HXT  sing N N 142 
LYS N   CA   sing N N 143 
LYS N   H    sing N N 144 
LYS N   H2   sing N N 145 
LYS CA  C    sing N N 146 
LYS CA  CB   sing N N 147 
LYS CA  HA   sing N N 148 
LYS C   O    doub N N 149 
LYS C   OXT  sing N N 150 
LYS CB  CG   sing N N 151 
LYS CB  HB2  sing N N 152 
LYS CB  HB3  sing N N 153 
LYS CG  CD   sing N N 154 
LYS CG  HG2  sing N N 155 
LYS CG  HG3  sing N N 156 
LYS CD  CE   sing N N 157 
LYS CD  HD2  sing N N 158 
LYS CD  HD3  sing N N 159 
LYS CE  NZ   sing N N 160 
LYS CE  HE2  sing N N 161 
LYS CE  HE3  sing N N 162 
LYS NZ  HZ1  sing N N 163 
LYS NZ  HZ2  sing N N 164 
LYS NZ  HZ3  sing N N 165 
LYS OXT HXT  sing N N 166 
PHE N   CA   sing N N 167 
PHE N   H    sing N N 168 
PHE N   H2   sing N N 169 
PHE CA  C    sing N N 170 
PHE CA  CB   sing N N 171 
PHE CA  HA   sing N N 172 
PHE C   O    doub N N 173 
PHE C   OXT  sing N N 174 
PHE CB  CG   sing N N 175 
PHE CB  HB2  sing N N 176 
PHE CB  HB3  sing N N 177 
PHE CG  CD1  doub Y N 178 
PHE CG  CD2  sing Y N 179 
PHE CD1 CE1  sing Y N 180 
PHE CD1 HD1  sing N N 181 
PHE CD2 CE2  doub Y N 182 
PHE CD2 HD2  sing N N 183 
PHE CE1 CZ   doub Y N 184 
PHE CE1 HE1  sing N N 185 
PHE CE2 CZ   sing Y N 186 
PHE CE2 HE2  sing N N 187 
PHE CZ  HZ   sing N N 188 
PHE OXT HXT  sing N N 189 
PRO N   CA   sing N N 190 
PRO N   CD   sing N N 191 
PRO N   H    sing N N 192 
PRO CA  C    sing N N 193 
PRO CA  CB   sing N N 194 
PRO CA  HA   sing N N 195 
PRO C   O    doub N N 196 
PRO C   OXT  sing N N 197 
PRO CB  CG   sing N N 198 
PRO CB  HB2  sing N N 199 
PRO CB  HB3  sing N N 200 
PRO CG  CD   sing N N 201 
PRO CG  HG2  sing N N 202 
PRO CG  HG3  sing N N 203 
PRO CD  HD2  sing N N 204 
PRO CD  HD3  sing N N 205 
PRO OXT HXT  sing N N 206 
# 
_atom_sites.entry_id                    1LYP 
_atom_sites.fract_transf_matrix[1][1]   1.000000 
_atom_sites.fract_transf_matrix[1][2]   0.000000 
_atom_sites.fract_transf_matrix[1][3]   0.000000 
_atom_sites.fract_transf_matrix[2][1]   0.000000 
_atom_sites.fract_transf_matrix[2][2]   1.000000 
_atom_sites.fract_transf_matrix[2][3]   0.000000 
_atom_sites.fract_transf_matrix[3][1]   0.000000 
_atom_sites.fract_transf_matrix[3][2]   0.000000 
_atom_sites.fract_transf_matrix[3][3]   1.000000 
_atom_sites.fract_transf_vector[1]      0.00000 
_atom_sites.fract_transf_vector[2]      0.00000 
_atom_sites.fract_transf_vector[3]      0.00000 
# 
loop_
_atom_type.symbol 
C 
H 
N 
O 
# 
loop_
_atom_site.group_PDB 
_atom_site.id 
_atom_site.type_symbol 
_atom_site.label_atom_id 
_atom_site.label_alt_id 
_atom_site.label_comp_id 
_atom_site.label_asym_id 
_atom_site.label_entity_id 
_atom_site.label_seq_id 
_atom_site.pdbx_PDB_ins_code 
_atom_site.Cartn_x 
_atom_site.Cartn_y 
_atom_site.Cartn_z 
_atom_site.occupancy 
_atom_site.B_iso_or_equiv 
_atom_site.pdbx_formal_charge 
_atom_site.auth_seq_id 
_atom_site.auth_comp_id 
_atom_site.auth_asym_id 
_atom_site.auth_atom_id 
_atom_site.pdbx_PDB_model_num 
ATOM 1   N N    . GLY A 1 1  ? 2.923   -16.305 19.553  1.00 0.00 ? 1  GLY A N    1 
ATOM 2   C CA   . GLY A 1 1  ? 1.630   -15.896 18.935  1.00 0.00 ? 1  GLY A CA   1 
ATOM 3   C C    . GLY A 1 1  ? 1.762   -14.494 18.335  1.00 0.00 ? 1  GLY A C    1 
ATOM 4   O O    . GLY A 1 1  ? 1.125   -14.175 17.350  1.00 0.00 ? 1  GLY A O    1 
ATOM 5   H H1   . GLY A 1 1  ? 3.520   -15.465 19.695  1.00 0.00 ? 1  GLY A H1   1 
ATOM 6   H H2   . GLY A 1 1  ? 2.741   -16.761 20.469  1.00 0.00 ? 1  GLY A H2   1 
ATOM 7   H H3   . GLY A 1 1  ? 3.411   -16.975 18.922  1.00 0.00 ? 1  GLY A H3   1 
ATOM 8   H HA2  . GLY A 1 1  ? 1.367   -16.596 18.156  1.00 0.00 ? 1  GLY A HA2  1 
ATOM 9   H HA3  . GLY A 1 1  ? 0.857   -15.893 19.689  1.00 0.00 ? 1  GLY A HA3  1 
ATOM 10  N N    . LEU A 1 2  ? 2.588   -13.688 18.945  1.00 0.00 ? 2  LEU A N    1 
ATOM 11  C CA   . LEU A 1 2  ? 2.779   -12.305 18.430  1.00 0.00 ? 2  LEU A CA   1 
ATOM 12  C C    . LEU A 1 2  ? 3.257   -12.317 16.980  1.00 0.00 ? 2  LEU A C    1 
ATOM 13  O O    . LEU A 1 2  ? 2.857   -11.491 16.183  1.00 0.00 ? 2  LEU A O    1 
ATOM 14  C CB   . LEU A 1 2  ? 3.845   -11.620 19.291  1.00 0.00 ? 2  LEU A CB   1 
ATOM 15  C CG   . LEU A 1 2  ? 4.103   -10.213 18.749  1.00 0.00 ? 2  LEU A CG   1 
ATOM 16  C CD1  . LEU A 1 2  ? 4.139   -9.226  19.917  1.00 0.00 ? 2  LEU A CD1  1 
ATOM 17  C CD2  . LEU A 1 2  ? 5.451   -10.189 18.029  1.00 0.00 ? 2  LEU A CD2  1 
ATOM 18  H H    . LEU A 1 2  ? 3.075   -13.990 19.738  1.00 0.00 ? 2  LEU A H    1 
ATOM 19  H HA   . LEU A 1 2  ? 1.835   -11.773 18.487  1.00 0.00 ? 2  LEU A HA   1 
ATOM 20  H HB2  . LEU A 1 2  ? 3.500   -11.556 20.313  1.00 0.00 ? 2  LEU A HB2  1 
ATOM 21  H HB3  . LEU A 1 2  ? 4.760   -12.193 19.260  1.00 0.00 ? 2  LEU A HB3  1 
ATOM 22  H HG   . LEU A 1 2  ? 3.316   -9.937  18.062  1.00 0.00 ? 2  LEU A HG   1 
ATOM 23  H HD11 . LEU A 1 2  ? 4.800   -9.597  20.687  1.00 0.00 ? 2  LEU A HD11 1 
ATOM 24  H HD12 . LEU A 1 2  ? 4.497   -8.266  19.574  1.00 0.00 ? 2  LEU A HD12 1 
ATOM 25  H HD13 . LEU A 1 2  ? 3.147   -9.109  20.327  1.00 0.00 ? 2  LEU A HD13 1 
ATOM 26  H HD21 . LEU A 1 2  ? 5.520   -11.031 17.356  1.00 0.00 ? 2  LEU A HD21 1 
ATOM 27  H HD22 . LEU A 1 2  ? 5.547   -9.274  17.464  1.00 0.00 ? 2  LEU A HD22 1 
ATOM 28  H HD23 . LEU A 1 2  ? 6.252   -10.246 18.752  1.00 0.00 ? 2  LEU A HD23 1 
ATOM 29  N N    . ARG A 1 3  ? 4.107   -13.255 16.664  1.00 0.00 ? 3  ARG A N    1 
ATOM 30  C CA   . ARG A 1 3  ? 4.624   -13.337 15.273  1.00 0.00 ? 3  ARG A CA   1 
ATOM 31  C C    . ARG A 1 3  ? 3.480   -13.505 14.274  1.00 0.00 ? 3  ARG A C    1 
ATOM 32  O O    . ARG A 1 3  ? 3.278   -12.675 13.409  1.00 0.00 ? 3  ARG A O    1 
ATOM 33  C CB   . ARG A 1 3  ? 5.546   -14.560 15.178  1.00 0.00 ? 3  ARG A CB   1 
ATOM 34  C CG   . ARG A 1 3  ? 6.698   -14.401 16.176  1.00 0.00 ? 3  ARG A CG   1 
ATOM 35  C CD   . ARG A 1 3  ? 7.424   -15.740 16.326  1.00 0.00 ? 3  ARG A CD   1 
ATOM 36  N NE   . ARG A 1 3  ? 8.103   -16.070 15.042  1.00 0.00 ? 3  ARG A NE   1 
ATOM 37  C CZ   . ARG A 1 3  ? 7.490   -16.822 14.171  1.00 0.00 ? 3  ARG A CZ   1 
ATOM 38  N NH1  . ARG A 1 3  ? 6.913   -17.919 14.578  1.00 0.00 ? 3  ARG A NH1  1 
ATOM 39  N NH2  . ARG A 1 3  ? 7.472   -16.451 12.920  1.00 0.00 ? 3  ARG A NH2  1 
ATOM 40  H H    . ARG A 1 3  ? 4.403   -13.901 17.339  1.00 0.00 ? 3  ARG A H    1 
ATOM 41  H HA   . ARG A 1 3  ? 5.165   -12.425 15.042  1.00 0.00 ? 3  ARG A HA   1 
ATOM 42  H HB2  . ARG A 1 3  ? 4.987   -15.455 15.408  1.00 0.00 ? 3  ARG A HB2  1 
ATOM 43  H HB3  . ARG A 1 3  ? 5.943   -14.640 14.177  1.00 0.00 ? 3  ARG A HB3  1 
ATOM 44  H HG2  . ARG A 1 3  ? 7.388   -13.652 15.816  1.00 0.00 ? 3  ARG A HG2  1 
ATOM 45  H HG3  . ARG A 1 3  ? 6.309   -14.092 17.134  1.00 0.00 ? 3  ARG A HG3  1 
ATOM 46  H HD2  . ARG A 1 3  ? 8.161   -15.671 17.113  1.00 0.00 ? 3  ARG A HD2  1 
ATOM 47  H HD3  . ARG A 1 3  ? 6.715   -16.518 16.568  1.00 0.00 ? 3  ARG A HD3  1 
ATOM 48  H HE   . ARG A 1 3  ? 9.001   -15.726 14.855  1.00 0.00 ? 3  ARG A HE   1 
ATOM 49  H HH11 . ARG A 1 3  ? 6.945   -18.171 15.546  1.00 0.00 ? 3  ARG A HH11 1 
ATOM 50  H HH12 . ARG A 1 3  ? 6.439   -18.507 13.923  1.00 0.00 ? 3  ARG A HH12 1 
ATOM 51  H HH21 . ARG A 1 3  ? 7.923   -15.602 12.644  1.00 0.00 ? 3  ARG A HH21 1 
ATOM 52  H HH22 . ARG A 1 3  ? 7.006   -17.014 12.237  1.00 0.00 ? 3  ARG A HH22 1 
ATOM 53  N N    . LYS A 1 4  ? 2.752   -14.577 14.417  1.00 0.00 ? 4  LYS A N    1 
ATOM 54  C CA   . LYS A 1 4  ? 1.615   -14.828 13.492  1.00 0.00 ? 4  LYS A CA   1 
ATOM 55  C C    . LYS A 1 4  ? 0.786   -13.563 13.264  1.00 0.00 ? 4  LYS A C    1 
ATOM 56  O O    . LYS A 1 4  ? 0.329   -13.309 12.168  1.00 0.00 ? 4  LYS A O    1 
ATOM 57  C CB   . LYS A 1 4  ? 0.710   -15.890 14.129  1.00 0.00 ? 4  LYS A CB   1 
ATOM 58  C CG   . LYS A 1 4  ? -0.329  -16.350 13.104  1.00 0.00 ? 4  LYS A CG   1 
ATOM 59  C CD   . LYS A 1 4  ? -1.240  -17.397 13.752  1.00 0.00 ? 4  LYS A CD   1 
ATOM 60  C CE   . LYS A 1 4  ? -2.565  -17.455 12.989  1.00 0.00 ? 4  LYS A CE   1 
ATOM 61  N NZ   . LYS A 1 4  ? -3.197  -18.794 13.145  1.00 0.00 ? 4  LYS A NZ   1 
ATOM 62  H H    . LYS A 1 4  ? 2.956   -15.217 15.131  1.00 0.00 ? 4  LYS A H    1 
ATOM 63  H HA   . LYS A 1 4  ? 2.002   -15.173 12.539  1.00 0.00 ? 4  LYS A HA   1 
ATOM 64  H HB2  . LYS A 1 4  ? 1.308   -16.734 14.444  1.00 0.00 ? 4  LYS A HB2  1 
ATOM 65  H HB3  . LYS A 1 4  ? 0.211   -15.469 14.989  1.00 0.00 ? 4  LYS A HB3  1 
ATOM 66  H HG2  . LYS A 1 4  ? -0.919  -15.505 12.782  1.00 0.00 ? 4  LYS A HG2  1 
ATOM 67  H HG3  . LYS A 1 4  ? 0.170   -16.781 12.251  1.00 0.00 ? 4  LYS A HG3  1 
ATOM 68  H HD2  . LYS A 1 4  ? -0.761  -18.363 13.719  1.00 0.00 ? 4  LYS A HD2  1 
ATOM 69  H HD3  . LYS A 1 4  ? -1.427  -17.129 14.781  1.00 0.00 ? 4  LYS A HD3  1 
ATOM 70  H HE2  . LYS A 1 4  ? -3.238  -16.701 13.373  1.00 0.00 ? 4  LYS A HE2  1 
ATOM 71  H HE3  . LYS A 1 4  ? -2.388  -17.267 11.940  1.00 0.00 ? 4  LYS A HE3  1 
ATOM 72  H HZ1  . LYS A 1 4  ? -2.517  -19.450 13.579  1.00 0.00 ? 4  LYS A HZ1  1 
ATOM 73  H HZ2  . LYS A 1 4  ? -4.037  -18.714 13.754  1.00 0.00 ? 4  LYS A HZ2  1 
ATOM 74  H HZ3  . LYS A 1 4  ? -3.480  -19.156 12.211  1.00 0.00 ? 4  LYS A HZ3  1 
ATOM 75  N N    . ARG A 1 5  ? 0.610   -12.793 14.303  1.00 0.00 ? 5  ARG A N    1 
ATOM 76  C CA   . ARG A 1 5  ? -0.188  -11.544 14.161  1.00 0.00 ? 5  ARG A CA   1 
ATOM 77  C C    . ARG A 1 5  ? 0.585   -10.455 13.414  1.00 0.00 ? 5  ARG A C    1 
ATOM 78  O O    . ARG A 1 5  ? 0.029   -9.759  12.587  1.00 0.00 ? 5  ARG A O    1 
ATOM 79  C CB   . ARG A 1 5  ? -0.523  -11.030 15.566  1.00 0.00 ? 5  ARG A CB   1 
ATOM 80  C CG   . ARG A 1 5  ? -1.342  -12.089 16.308  1.00 0.00 ? 5  ARG A CG   1 
ATOM 81  C CD   . ARG A 1 5  ? -2.596  -11.434 16.894  1.00 0.00 ? 5  ARG A CD   1 
ATOM 82  N NE   . ARG A 1 5  ? -3.264  -12.399 17.812  1.00 0.00 ? 5  ARG A NE   1 
ATOM 83  C CZ   . ARG A 1 5  ? -4.566  -12.496 17.803  1.00 0.00 ? 5  ARG A CZ   1 
ATOM 84  N NH1  . ARG A 1 5  ? -5.174  -12.716 16.669  1.00 0.00 ? 5  ARG A NH1  1 
ATOM 85  N NH2  . ARG A 1 5  ? -5.217  -12.363 18.927  1.00 0.00 ? 5  ARG A NH2  1 
ATOM 86  H H    . ARG A 1 5  ? 1.000   -13.036 15.168  1.00 0.00 ? 5  ARG A H    1 
ATOM 87  H HA   . ARG A 1 5  ? -1.094  -11.771 13.609  1.00 0.00 ? 5  ARG A HA   1 
ATOM 88  H HB2  . ARG A 1 5  ? 0.390   -10.832 16.108  1.00 0.00 ? 5  ARG A HB2  1 
ATOM 89  H HB3  . ARG A 1 5  ? -1.095  -10.117 15.490  1.00 0.00 ? 5  ARG A HB3  1 
ATOM 90  H HG2  . ARG A 1 5  ? -1.627  -12.874 15.622  1.00 0.00 ? 5  ARG A HG2  1 
ATOM 91  H HG3  . ARG A 1 5  ? -0.748  -12.515 17.105  1.00 0.00 ? 5  ARG A HG3  1 
ATOM 92  H HD2  . ARG A 1 5  ? -2.323  -10.547 17.444  1.00 0.00 ? 5  ARG A HD2  1 
ATOM 93  H HD3  . ARG A 1 5  ? -3.276  -11.170 16.098  1.00 0.00 ? 5  ARG A HD3  1 
ATOM 94  H HE   . ARG A 1 5  ? -2.731  -12.956 18.417  1.00 0.00 ? 5  ARG A HE   1 
ATOM 95  H HH11 . ARG A 1 5  ? -4.644  -12.807 15.827  1.00 0.00 ? 5  ARG A HH11 1 
ATOM 96  H HH12 . ARG A 1 5  ? -6.171  -12.795 16.644  1.00 0.00 ? 5  ARG A HH12 1 
ATOM 97  H HH21 . ARG A 1 5  ? -4.719  -12.189 19.776  1.00 0.00 ? 5  ARG A HH21 1 
ATOM 98  H HH22 . ARG A 1 5  ? -6.214  -12.437 18.939  1.00 0.00 ? 5  ARG A HH22 1 
ATOM 99  N N    . LEU A 1 6  ? 1.845   -10.323 13.718  1.00 0.00 ? 6  LEU A N    1 
ATOM 100 C CA   . LEU A 1 6  ? 2.656   -9.279  13.028  1.00 0.00 ? 6  LEU A CA   1 
ATOM 101 C C    . LEU A 1 6  ? 2.768   -9.570  11.532  1.00 0.00 ? 6  LEU A C    1 
ATOM 102 O O    . LEU A 1 6  ? 2.512   -8.710  10.712  1.00 0.00 ? 6  LEU A O    1 
ATOM 103 C CB   . LEU A 1 6  ? 4.075   -9.271  13.636  1.00 0.00 ? 6  LEU A CB   1 
ATOM 104 C CG   . LEU A 1 6  ? 4.248   -8.134  14.666  1.00 0.00 ? 6  LEU A CG   1 
ATOM 105 C CD1  . LEU A 1 6  ? 4.503   -6.810  13.934  1.00 0.00 ? 6  LEU A CD1  1 
ATOM 106 C CD2  . LEU A 1 6  ? 3.004   -7.997  15.557  1.00 0.00 ? 6  LEU A CD2  1 
ATOM 107 H H    . LEU A 1 6  ? 2.254   -10.906 14.391  1.00 0.00 ? 6  LEU A H    1 
ATOM 108 H HA   . LEU A 1 6  ? 2.169   -8.323  13.152  1.00 0.00 ? 6  LEU A HA   1 
ATOM 109 H HB2  . LEU A 1 6  ? 4.263   -10.219 14.119  1.00 0.00 ? 6  LEU A HB2  1 
ATOM 110 H HB3  . LEU A 1 6  ? 4.797   -9.141  12.843  1.00 0.00 ? 6  LEU A HB3  1 
ATOM 111 H HG   . LEU A 1 6  ? 5.101   -8.356  15.291  1.00 0.00 ? 6  LEU A HG   1 
ATOM 112 H HD11 . LEU A 1 6  ? 3.733   -6.636  13.201  1.00 0.00 ? 6  LEU A HD11 1 
ATOM 113 H HD12 . LEU A 1 6  ? 4.507   -5.997  14.644  1.00 0.00 ? 6  LEU A HD12 1 
ATOM 114 H HD13 . LEU A 1 6  ? 5.462   -6.850  13.437  1.00 0.00 ? 6  LEU A HD13 1 
ATOM 115 H HD21 . LEU A 1 6  ? 2.458   -8.928  15.581  1.00 0.00 ? 6  LEU A HD21 1 
ATOM 116 H HD22 . LEU A 1 6  ? 3.305   -7.741  16.563  1.00 0.00 ? 6  LEU A HD22 1 
ATOM 117 H HD23 . LEU A 1 6  ? 2.362   -7.216  15.176  1.00 0.00 ? 6  LEU A HD23 1 
ATOM 118 N N    . ARG A 1 7  ? 3.148   -10.774 11.201  1.00 0.00 ? 7  ARG A N    1 
ATOM 119 C CA   . ARG A 1 7  ? 3.280   -11.126 9.762   1.00 0.00 ? 7  ARG A CA   1 
ATOM 120 C C    . ARG A 1 7  ? 2.011   -10.767 8.989   1.00 0.00 ? 7  ARG A C    1 
ATOM 121 O O    . ARG A 1 7  ? 2.053   -10.005 8.045   1.00 0.00 ? 7  ARG A O    1 
ATOM 122 C CB   . ARG A 1 7  ? 3.514   -12.638 9.650   1.00 0.00 ? 7  ARG A CB   1 
ATOM 123 C CG   . ARG A 1 7  ? 4.921   -12.964 10.155  1.00 0.00 ? 7  ARG A CG   1 
ATOM 124 C CD   . ARG A 1 7  ? 5.113   -14.484 10.171  1.00 0.00 ? 7  ARG A CD   1 
ATOM 125 N NE   . ARG A 1 7  ? 5.226   -14.978 8.770   1.00 0.00 ? 7  ARG A NE   1 
ATOM 126 C CZ   . ARG A 1 7  ? 5.171   -16.261 8.537   1.00 0.00 ? 7  ARG A CZ   1 
ATOM 127 N NH1  . ARG A 1 7  ? 4.004   -16.823 8.376   1.00 0.00 ? 7  ARG A NH1  1 
ATOM 128 N NH2  . ARG A 1 7  ? 6.285   -16.940 8.478   1.00 0.00 ? 7  ARG A NH2  1 
ATOM 129 H H    . ARG A 1 7  ? 3.344   -11.438 11.895  1.00 0.00 ? 7  ARG A H    1 
ATOM 130 H HA   . ARG A 1 7  ? 4.114   -10.575 9.341   1.00 0.00 ? 7  ARG A HA   1 
ATOM 131 H HB2  . ARG A 1 7  ? 2.783   -13.164 10.245  1.00 0.00 ? 7  ARG A HB2  1 
ATOM 132 H HB3  . ARG A 1 7  ? 3.418   -12.944 8.619   1.00 0.00 ? 7  ARG A HB3  1 
ATOM 133 H HG2  . ARG A 1 7  ? 5.654   -12.513 9.504   1.00 0.00 ? 7  ARG A HG2  1 
ATOM 134 H HG3  . ARG A 1 7  ? 5.048   -12.573 11.154  1.00 0.00 ? 7  ARG A HG3  1 
ATOM 135 H HD2  . ARG A 1 7  ? 6.015   -14.734 10.712  1.00 0.00 ? 7  ARG A HD2  1 
ATOM 136 H HD3  . ARG A 1 7  ? 4.269   -14.956 10.649  1.00 0.00 ? 7  ARG A HD3  1 
ATOM 137 H HE   . ARG A 1 7  ? 5.342   -14.345 8.029   1.00 0.00 ? 7  ARG A HE   1 
ATOM 138 H HH11 . ARG A 1 7  ? 3.172   -16.272 8.431   1.00 0.00 ? 7  ARG A HH11 1 
ATOM 139 H HH12 . ARG A 1 7  ? 3.942   -17.805 8.195   1.00 0.00 ? 7  ARG A HH12 1 
ATOM 140 H HH21 . ARG A 1 7  ? 7.160   -16.476 8.609   1.00 0.00 ? 7  ARG A HH21 1 
ATOM 141 H HH22 . ARG A 1 7  ? 6.262   -17.925 8.303   1.00 0.00 ? 7  ARG A HH22 1 
ATOM 142 N N    . LYS A 1 8  ? 0.908   -11.326 9.404   1.00 0.00 ? 8  LYS A N    1 
ATOM 143 C CA   . LYS A 1 8  ? -0.369  -11.027 8.703   1.00 0.00 ? 8  LYS A CA   1 
ATOM 144 C C    . LYS A 1 8  ? -0.628  -9.521  8.660   1.00 0.00 ? 8  LYS A C    1 
ATOM 145 O O    . LYS A 1 8  ? -1.205  -9.015  7.719   1.00 0.00 ? 8  LYS A O    1 
ATOM 146 C CB   . LYS A 1 8  ? -1.511  -11.703 9.470   1.00 0.00 ? 8  LYS A CB   1 
ATOM 147 C CG   . LYS A 1 8  ? -1.290  -13.219 9.459   1.00 0.00 ? 8  LYS A CG   1 
ATOM 148 C CD   . LYS A 1 8  ? -2.421  -13.894 8.678   1.00 0.00 ? 8  LYS A CD   1 
ATOM 149 C CE   . LYS A 1 8  ? -2.257  -15.412 8.774   1.00 0.00 ? 8  LYS A CE   1 
ATOM 150 N NZ   . LYS A 1 8  ? -3.157  -16.099 7.805   1.00 0.00 ? 8  LYS A NZ   1 
ATOM 151 H H    . LYS A 1 8  ? 0.920   -11.937 10.170  1.00 0.00 ? 8  LYS A H    1 
ATOM 152 H HA   . LYS A 1 8  ? -0.309  -11.406 7.689   1.00 0.00 ? 8  LYS A HA   1 
ATOM 153 H HB2  . LYS A 1 8  ? -1.525  -11.347 10.489  1.00 0.00 ? 8  LYS A HB2  1 
ATOM 154 H HB3  . LYS A 1 8  ? -2.454  -11.468 8.999   1.00 0.00 ? 8  LYS A HB3  1 
ATOM 155 H HG2  . LYS A 1 8  ? -0.343  -13.443 8.990   1.00 0.00 ? 8  LYS A HG2  1 
ATOM 156 H HG3  . LYS A 1 8  ? -1.279  -13.591 10.472  1.00 0.00 ? 8  LYS A HG3  1 
ATOM 157 H HD2  . LYS A 1 8  ? -3.376  -13.607 9.095   1.00 0.00 ? 8  LYS A HD2  1 
ATOM 158 H HD3  . LYS A 1 8  ? -2.380  -13.589 7.642   1.00 0.00 ? 8  LYS A HD3  1 
ATOM 159 H HE2  . LYS A 1 8  ? -1.234  -15.681 8.555   1.00 0.00 ? 8  LYS A HE2  1 
ATOM 160 H HE3  . LYS A 1 8  ? -2.501  -15.739 9.773   1.00 0.00 ? 8  LYS A HE3  1 
ATOM 161 H HZ1  . LYS A 1 8  ? -3.368  -15.458 7.014   1.00 0.00 ? 8  LYS A HZ1  1 
ATOM 162 H HZ2  . LYS A 1 8  ? -2.689  -16.954 7.443   1.00 0.00 ? 8  LYS A HZ2  1 
ATOM 163 H HZ3  . LYS A 1 8  ? -4.042  -16.363 8.283   1.00 0.00 ? 8  LYS A HZ3  1 
ATOM 164 N N    . PHE A 1 9  ? -0.192  -8.835  9.682   1.00 0.00 ? 9  PHE A N    1 
ATOM 165 C CA   . PHE A 1 9  ? -0.405  -7.358  9.719   1.00 0.00 ? 9  PHE A CA   1 
ATOM 166 C C    . PHE A 1 9  ? 0.278   -6.678  8.535   1.00 0.00 ? 9  PHE A C    1 
ATOM 167 O O    . PHE A 1 9  ? -0.362  -6.013  7.745   1.00 0.00 ? 9  PHE A O    1 
ATOM 168 C CB   . PHE A 1 9  ? 0.206   -6.800  11.018  1.00 0.00 ? 9  PHE A CB   1 
ATOM 169 C CG   . PHE A 1 9  ? -0.832  -5.942  11.748  1.00 0.00 ? 9  PHE A CG   1 
ATOM 170 C CD1  . PHE A 1 9  ? -1.058  -4.629  11.368  1.00 0.00 ? 9  PHE A CD1  1 
ATOM 171 C CD2  . PHE A 1 9  ? -1.564  -6.472  12.797  1.00 0.00 ? 9  PHE A CD2  1 
ATOM 172 C CE1  . PHE A 1 9  ? -2.001  -3.863  12.024  1.00 0.00 ? 9  PHE A CE1  1 
ATOM 173 C CE2  . PHE A 1 9  ? -2.505  -5.704  13.452  1.00 0.00 ? 9  PHE A CE2  1 
ATOM 174 C CZ   . PHE A 1 9  ? -2.723  -4.401  13.066  1.00 0.00 ? 9  PHE A CZ   1 
ATOM 175 H H    . PHE A 1 9  ? 0.270   -9.288  10.418  1.00 0.00 ? 9  PHE A H    1 
ATOM 176 H HA   . PHE A 1 9  ? -1.471  -7.157  9.672   1.00 0.00 ? 9  PHE A HA   1 
ATOM 177 H HB2  . PHE A 1 9  ? 0.511   -7.610  11.662  1.00 0.00 ? 9  PHE A HB2  1 
ATOM 178 H HB3  . PHE A 1 9  ? 1.067   -6.191  10.783  1.00 0.00 ? 9  PHE A HB3  1 
ATOM 179 H HD1  . PHE A 1 9  ? -0.488  -4.198  10.557  1.00 0.00 ? 9  PHE A HD1  1 
ATOM 180 H HD2  . PHE A 1 9  ? -1.391  -7.491  13.110  1.00 0.00 ? 9  PHE A HD2  1 
ATOM 181 H HE1  . PHE A 1 9  ? -2.174  -2.842  11.719  1.00 0.00 ? 9  PHE A HE1  1 
ATOM 182 H HE2  . PHE A 1 9  ? -3.071  -6.127  14.268  1.00 0.00 ? 9  PHE A HE2  1 
ATOM 183 H HZ   . PHE A 1 9  ? -3.461  -3.802  13.579  1.00 0.00 ? 9  PHE A HZ   1 
ATOM 184 N N    . ARG A 1 10 ? 1.568   -6.854  8.437   1.00 0.00 ? 10 ARG A N    1 
ATOM 185 C CA   . ARG A 1 10 ? 2.308   -6.223  7.312   1.00 0.00 ? 10 ARG A CA   1 
ATOM 186 C C    . ARG A 1 10 ? 1.774   -6.699  5.963   1.00 0.00 ? 10 ARG A C    1 
ATOM 187 O O    . ARG A 1 10 ? 2.175   -6.206  4.927   1.00 0.00 ? 10 ARG A O    1 
ATOM 188 C CB   . ARG A 1 10 ? 3.787   -6.608  7.433   1.00 0.00 ? 10 ARG A CB   1 
ATOM 189 C CG   . ARG A 1 10 ? 4.453   -5.694  8.465   1.00 0.00 ? 10 ARG A CG   1 
ATOM 190 C CD   . ARG A 1 10 ? 5.922   -6.093  8.624   1.00 0.00 ? 10 ARG A CD   1 
ATOM 191 N NE   . ARG A 1 10 ? 6.660   -4.966  9.260   1.00 0.00 ? 10 ARG A NE   1 
ATOM 192 C CZ   . ARG A 1 10 ? 7.964   -4.947  9.215   1.00 0.00 ? 10 ARG A CZ   1 
ATOM 193 N NH1  . ARG A 1 10 ? 8.599   -6.038  8.886   1.00 0.00 ? 10 ARG A NH1  1 
ATOM 194 N NH2  . ARG A 1 10 ? 8.589   -3.838  9.505   1.00 0.00 ? 10 ARG A NH2  1 
ATOM 195 H H    . ARG A 1 10 ? 2.045   -7.398  9.098   1.00 0.00 ? 10 ARG A H    1 
ATOM 196 H HA   . ARG A 1 10 ? 2.185   -5.146  7.374   1.00 0.00 ? 10 ARG A HA   1 
ATOM 197 H HB2  . ARG A 1 10 ? 3.869   -7.637  7.751   1.00 0.00 ? 10 ARG A HB2  1 
ATOM 198 H HB3  . ARG A 1 10 ? 4.273   -6.493  6.476   1.00 0.00 ? 10 ARG A HB3  1 
ATOM 199 H HG2  . ARG A 1 10 ? 4.391   -4.669  8.134   1.00 0.00 ? 10 ARG A HG2  1 
ATOM 200 H HG3  . ARG A 1 10 ? 3.947   -5.790  9.414   1.00 0.00 ? 10 ARG A HG3  1 
ATOM 201 H HD2  . ARG A 1 10 ? 5.999   -6.970  9.249   1.00 0.00 ? 10 ARG A HD2  1 
ATOM 202 H HD3  . ARG A 1 10 ? 6.353   -6.303  7.656   1.00 0.00 ? 10 ARG A HD3  1 
ATOM 203 H HE   . ARG A 1 10 ? 6.170   -4.245  9.709   1.00 0.00 ? 10 ARG A HE   1 
ATOM 204 H HH11 . ARG A 1 10 ? 8.087   -6.871  8.675   1.00 0.00 ? 10 ARG A HH11 1 
ATOM 205 H HH12 . ARG A 1 10 ? 9.597   -6.041  8.841   1.00 0.00 ? 10 ARG A HH12 1 
ATOM 206 H HH21 . ARG A 1 10 ? 8.069   -3.022  9.756   1.00 0.00 ? 10 ARG A HH21 1 
ATOM 207 H HH22 . ARG A 1 10 ? 9.588   -3.807  9.478   1.00 0.00 ? 10 ARG A HH22 1 
ATOM 208 N N    . ASN A 1 11 ? 0.881   -7.649  5.999   1.00 0.00 ? 11 ASN A N    1 
ATOM 209 C CA   . ASN A 1 11 ? 0.316   -8.161  4.722   1.00 0.00 ? 11 ASN A CA   1 
ATOM 210 C C    . ASN A 1 11 ? -0.936  -7.372  4.354   1.00 0.00 ? 11 ASN A C    1 
ATOM 211 O O    . ASN A 1 11 ? -1.201  -7.123  3.196   1.00 0.00 ? 11 ASN A O    1 
ATOM 212 C CB   . ASN A 1 11 ? -0.066  -9.636  4.905   1.00 0.00 ? 11 ASN A CB   1 
ATOM 213 C CG   . ASN A 1 11 ? -1.542  -9.824  4.546   1.00 0.00 ? 11 ASN A CG   1 
ATOM 214 O OD1  . ASN A 1 11 ? -1.877  -10.401 3.531   1.00 0.00 ? 11 ASN A OD1  1 
ATOM 215 N ND2  . ASN A 1 11 ? -2.455  -9.353  5.353   1.00 0.00 ? 11 ASN A ND2  1 
ATOM 216 H H    . ASN A 1 11 ? 0.585   -8.017  6.857   1.00 0.00 ? 11 ASN A H    1 
ATOM 217 H HA   . ASN A 1 11 ? 1.054   -8.044  3.935   1.00 0.00 ? 11 ASN A HA   1 
ATOM 218 H HB2  . ASN A 1 11 ? 0.540   -10.255 4.258   1.00 0.00 ? 11 ASN A HB2  1 
ATOM 219 H HB3  . ASN A 1 11 ? 0.092   -9.933  5.929   1.00 0.00 ? 11 ASN A HB3  1 
ATOM 220 H HD21 . ASN A 1 11 ? -2.191  -8.887  6.173   1.00 0.00 ? 11 ASN A HD21 1 
ATOM 221 H HD22 . ASN A 1 11 ? -3.405  -9.463  5.135   1.00 0.00 ? 11 ASN A HD22 1 
ATOM 222 N N    . LYS A 1 12 ? -1.681  -6.998  5.356   1.00 0.00 ? 12 LYS A N    1 
ATOM 223 C CA   . LYS A 1 12 ? -2.922  -6.223  5.100   1.00 0.00 ? 12 LYS A CA   1 
ATOM 224 C C    . LYS A 1 12 ? -2.587  -4.806  4.642   1.00 0.00 ? 12 LYS A C    1 
ATOM 225 O O    . LYS A 1 12 ? -3.099  -4.338  3.645   1.00 0.00 ? 12 LYS A O    1 
ATOM 226 C CB   . LYS A 1 12 ? -3.714  -6.152  6.415   1.00 0.00 ? 12 LYS A CB   1 
ATOM 227 C CG   . LYS A 1 12 ? -5.162  -5.735  6.127   1.00 0.00 ? 12 LYS A CG   1 
ATOM 228 C CD   . LYS A 1 12 ? -6.095  -6.932  6.359   1.00 0.00 ? 12 LYS A CD   1 
ATOM 229 C CE   . LYS A 1 12 ? -6.099  -7.307  7.847   1.00 0.00 ? 12 LYS A CE   1 
ATOM 230 N NZ   . LYS A 1 12 ? -5.438  -8.627  8.054   1.00 0.00 ? 12 LYS A NZ   1 
ATOM 231 H H    . LYS A 1 12 ? -1.429  -7.238  6.273   1.00 0.00 ? 12 LYS A H    1 
ATOM 232 H HA   . LYS A 1 12 ? -3.492  -6.719  4.324   1.00 0.00 ? 12 LYS A HA   1 
ATOM 233 H HB2  . LYS A 1 12 ? -3.701  -7.119  6.894   1.00 0.00 ? 12 LYS A HB2  1 
ATOM 234 H HB3  . LYS A 1 12 ? -3.255  -5.428  7.073   1.00 0.00 ? 12 LYS A HB3  1 
ATOM 235 H HG2  . LYS A 1 12 ? -5.443  -4.923  6.781   1.00 0.00 ? 12 LYS A HG2  1 
ATOM 236 H HG3  . LYS A 1 12 ? -5.248  -5.404  5.103   1.00 0.00 ? 12 LYS A HG3  1 
ATOM 237 H HD2  . LYS A 1 12 ? -7.097  -6.674  6.050   1.00 0.00 ? 12 LYS A HD2  1 
ATOM 238 H HD3  . LYS A 1 12 ? -5.753  -7.774  5.775   1.00 0.00 ? 12 LYS A HD3  1 
ATOM 239 H HE2  . LYS A 1 12 ? -5.569  -6.557  8.415   1.00 0.00 ? 12 LYS A HE2  1 
ATOM 240 H HE3  . LYS A 1 12 ? -7.117  -7.363  8.203   1.00 0.00 ? 12 LYS A HE3  1 
ATOM 241 H HZ1  . LYS A 1 12 ? -4.487  -8.608  7.632   1.00 0.00 ? 12 LYS A HZ1  1 
ATOM 242 H HZ2  . LYS A 1 12 ? -5.363  -8.821  9.073   1.00 0.00 ? 12 LYS A HZ2  1 
ATOM 243 H HZ3  . LYS A 1 12 ? -6.004  -9.374  7.601   1.00 0.00 ? 12 LYS A HZ3  1 
ATOM 244 N N    . ILE A 1 13 ? -1.732  -4.147  5.377   1.00 0.00 ? 13 ILE A N    1 
ATOM 245 C CA   . ILE A 1 13 ? -1.360  -2.767  4.994   1.00 0.00 ? 13 ILE A CA   1 
ATOM 246 C C    . ILE A 1 13 ? -0.784  -2.754  3.580   1.00 0.00 ? 13 ILE A C    1 
ATOM 247 O O    . ILE A 1 13 ? -1.137  -1.923  2.766   1.00 0.00 ? 13 ILE A O    1 
ATOM 248 C CB   . ILE A 1 13 ? -0.288  -2.281  5.974   1.00 0.00 ? 13 ILE A CB   1 
ATOM 249 C CG1  . ILE A 1 13 ? -0.937  -1.794  7.268   1.00 0.00 ? 13 ILE A CG1  1 
ATOM 250 C CG2  . ILE A 1 13 ? 0.463   -1.110  5.333   1.00 0.00 ? 13 ILE A CG2  1 
ATOM 251 C CD1  . ILE A 1 13 ? 0.019   -2.050  8.435   1.00 0.00 ? 13 ILE A CD1  1 
ATOM 252 H H    . ILE A 1 13 ? -1.333  -4.558  6.170   1.00 0.00 ? 13 ILE A H    1 
ATOM 253 H HA   . ILE A 1 13 ? -2.240  -2.135  5.025   1.00 0.00 ? 13 ILE A HA   1 
ATOM 254 H HB   . ILE A 1 13 ? 0.388   -3.100  6.198   1.00 0.00 ? 13 ILE A HB   1 
ATOM 255 H HG12 . ILE A 1 13 ? -1.147  -0.736  7.197   1.00 0.00 ? 13 ILE A HG12 1 
ATOM 256 H HG13 . ILE A 1 13 ? -1.861  -2.328  7.436   1.00 0.00 ? 13 ILE A HG13 1 
ATOM 257 H HG21 . ILE A 1 13 ? -0.231  -0.490  4.788   1.00 0.00 ? 13 ILE A HG21 1 
ATOM 258 H HG22 . ILE A 1 13 ? 0.941   -0.520  6.100   1.00 0.00 ? 13 ILE A HG22 1 
ATOM 259 H HG23 . ILE A 1 13 ? 1.214   -1.488  4.655   1.00 0.00 ? 13 ILE A HG23 1 
ATOM 260 H HD11 . ILE A 1 13 ? 0.980   -1.603  8.225   1.00 0.00 ? 13 ILE A HD11 1 
ATOM 261 H HD12 . ILE A 1 13 ? -0.383  -1.618  9.339   1.00 0.00 ? 13 ILE A HD12 1 
ATOM 262 H HD13 . ILE A 1 13 ? 0.145   -3.113  8.574   1.00 0.00 ? 13 ILE A HD13 1 
ATOM 263 N N    . LYS A 1 14 ? 0.089   -3.685  3.320   1.00 0.00 ? 14 LYS A N    1 
ATOM 264 C CA   . LYS A 1 14 ? 0.710   -3.761  1.973   1.00 0.00 ? 14 LYS A CA   1 
ATOM 265 C C    . LYS A 1 14 ? -0.328  -3.592  0.865   1.00 0.00 ? 14 LYS A C    1 
ATOM 266 O O    . LYS A 1 14 ? -0.032  -3.054  -0.183  1.00 0.00 ? 14 LYS A O    1 
ATOM 267 C CB   . LYS A 1 14 ? 1.366   -5.141  1.835   1.00 0.00 ? 14 LYS A CB   1 
ATOM 268 C CG   . LYS A 1 14 ? 1.851   -5.338  0.395   1.00 0.00 ? 14 LYS A CG   1 
ATOM 269 C CD   . LYS A 1 14 ? 3.134   -6.171  0.416   1.00 0.00 ? 14 LYS A CD   1 
ATOM 270 C CE   . LYS A 1 14 ? 3.398   -6.725  -0.984  1.00 0.00 ? 14 LYS A CE   1 
ATOM 271 N NZ   . LYS A 1 14 ? 4.811   -7.186  -1.101  1.00 0.00 ? 14 LYS A NZ   1 
ATOM 272 H H    . LYS A 1 14 ? 0.336   -4.333  4.012   1.00 0.00 ? 14 LYS A H    1 
ATOM 273 H HA   . LYS A 1 14 ? 1.450   -2.973  1.886   1.00 0.00 ? 14 LYS A HA   1 
ATOM 274 H HB2  . LYS A 1 14 ? 2.205   -5.211  2.510   1.00 0.00 ? 14 LYS A HB2  1 
ATOM 275 H HB3  . LYS A 1 14 ? 0.649   -5.909  2.082   1.00 0.00 ? 14 LYS A HB3  1 
ATOM 276 H HG2  . LYS A 1 14 ? 1.092   -5.852  -0.176  1.00 0.00 ? 14 LYS A HG2  1 
ATOM 277 H HG3  . LYS A 1 14 ? 2.048   -4.378  -0.059  1.00 0.00 ? 14 LYS A HG3  1 
ATOM 278 H HD2  . LYS A 1 14 ? 3.963   -5.551  0.724   1.00 0.00 ? 14 LYS A HD2  1 
ATOM 279 H HD3  . LYS A 1 14 ? 3.022   -6.987  1.115   1.00 0.00 ? 14 LYS A HD3  1 
ATOM 280 H HE2  . LYS A 1 14 ? 2.738   -7.558  -1.175  1.00 0.00 ? 14 LYS A HE2  1 
ATOM 281 H HE3  . LYS A 1 14 ? 3.216   -5.955  -1.719  1.00 0.00 ? 14 LYS A HE3  1 
ATOM 282 H HZ1  . LYS A 1 14 ? 5.395   -6.695  -0.394  1.00 0.00 ? 14 LYS A HZ1  1 
ATOM 283 H HZ2  . LYS A 1 14 ? 4.855   -8.212  -0.936  1.00 0.00 ? 14 LYS A HZ2  1 
ATOM 284 H HZ3  . LYS A 1 14 ? 5.167   -6.972  -2.055  1.00 0.00 ? 14 LYS A HZ3  1 
ATOM 285 N N    . GLU A 1 15 ? -1.526  -4.056  1.107   1.00 0.00 ? 15 GLU A N    1 
ATOM 286 C CA   . GLU A 1 15 ? -2.577  -3.920  0.062   1.00 0.00 ? 15 GLU A CA   1 
ATOM 287 C C    . GLU A 1 15 ? -2.980  -2.459  -0.128  1.00 0.00 ? 15 GLU A C    1 
ATOM 288 O O    . GLU A 1 15 ? -3.062  -1.977  -1.241  1.00 0.00 ? 15 GLU A O    1 
ATOM 289 C CB   . GLU A 1 15 ? -3.812  -4.718  0.507   1.00 0.00 ? 15 GLU A CB   1 
ATOM 290 C CG   . GLU A 1 15 ? -3.374  -6.090  1.028   1.00 0.00 ? 15 GLU A CG   1 
ATOM 291 C CD   . GLU A 1 15 ? -2.442  -6.742  0.005   1.00 0.00 ? 15 GLU A CD   1 
ATOM 292 O OE1  . GLU A 1 15 ? -2.736  -6.589  -1.170  1.00 0.00 ? 15 GLU A OE1  1 
ATOM 293 O OE2  . GLU A 1 15 ? -1.490  -7.359  0.455   1.00 0.00 ? 15 GLU A OE2  1 
ATOM 294 H H    . GLU A 1 15 ? -1.729  -4.494  1.964   1.00 0.00 ? 15 GLU A H    1 
ATOM 295 H HA   . GLU A 1 15 ? -2.190  -4.299  -0.881  1.00 0.00 ? 15 GLU A HA   1 
ATOM 296 H HB2  . GLU A 1 15 ? -4.327  -4.180  1.290   1.00 0.00 ? 15 GLU A HB2  1 
ATOM 297 H HB3  . GLU A 1 15 ? -4.481  -4.846  -0.332  1.00 0.00 ? 15 GLU A HB3  1 
ATOM 298 H HG2  . GLU A 1 15 ? -2.851  -5.976  1.968   1.00 0.00 ? 15 GLU A HG2  1 
ATOM 299 H HG3  . GLU A 1 15 ? -4.239  -6.720  1.175   1.00 0.00 ? 15 GLU A HG3  1 
ATOM 300 N N    . LYS A 1 16 ? -3.224  -1.781  0.958   1.00 0.00 ? 16 LYS A N    1 
ATOM 301 C CA   . LYS A 1 16 ? -3.622  -0.351  0.852   1.00 0.00 ? 16 LYS A CA   1 
ATOM 302 C C    . LYS A 1 16 ? -2.508  0.486   0.228   1.00 0.00 ? 16 LYS A C    1 
ATOM 303 O O    . LYS A 1 16 ? -2.752  1.565   -0.273  1.00 0.00 ? 16 LYS A O    1 
ATOM 304 C CB   . LYS A 1 16 ? -3.904  0.176   2.263   1.00 0.00 ? 16 LYS A CB   1 
ATOM 305 C CG   . LYS A 1 16 ? -4.724  1.466   2.166   1.00 0.00 ? 16 LYS A CG   1 
ATOM 306 C CD   . LYS A 1 16 ? -6.189  1.158   2.485   1.00 0.00 ? 16 LYS A CD   1 
ATOM 307 C CE   . LYS A 1 16 ? -7.047  2.375   2.131   1.00 0.00 ? 16 LYS A CE   1 
ATOM 308 N NZ   . LYS A 1 16 ? -8.276  2.413   2.973   1.00 0.00 ? 16 LYS A NZ   1 
ATOM 309 H H    . LYS A 1 16 ? -3.145  -2.209  1.837   1.00 0.00 ? 16 LYS A H    1 
ATOM 310 H HA   . LYS A 1 16 ? -4.506  -0.278  0.228   1.00 0.00 ? 16 LYS A HA   1 
ATOM 311 H HB2  . LYS A 1 16 ? -4.456  -0.564  2.825   1.00 0.00 ? 16 LYS A HB2  1 
ATOM 312 H HB3  . LYS A 1 16 ? -2.971  0.378   2.769   1.00 0.00 ? 16 LYS A HB3  1 
ATOM 313 H HG2  . LYS A 1 16 ? -4.345  2.190   2.870   1.00 0.00 ? 16 LYS A HG2  1 
ATOM 314 H HG3  . LYS A 1 16 ? -4.647  1.869   1.167   1.00 0.00 ? 16 LYS A HG3  1 
ATOM 315 H HD2  . LYS A 1 16 ? -6.515  0.305   1.908   1.00 0.00 ? 16 LYS A HD2  1 
ATOM 316 H HD3  . LYS A 1 16 ? -6.293  0.934   3.536   1.00 0.00 ? 16 LYS A HD3  1 
ATOM 317 H HE2  . LYS A 1 16 ? -6.479  3.279   2.298   1.00 0.00 ? 16 LYS A HE2  1 
ATOM 318 H HE3  . LYS A 1 16 ? -7.334  2.326   1.091   1.00 0.00 ? 16 LYS A HE3  1 
ATOM 319 H HZ1  . LYS A 1 16 ? -8.367  1.516   3.494   1.00 0.00 ? 16 LYS A HZ1  1 
ATOM 320 H HZ2  . LYS A 1 16 ? -8.211  3.202   3.648   1.00 0.00 ? 16 LYS A HZ2  1 
ATOM 321 H HZ3  . LYS A 1 16 ? -9.109  2.545   2.363   1.00 0.00 ? 16 LYS A HZ3  1 
ATOM 322 N N    . LEU A 1 17 ? -1.309  -0.023  0.270   1.00 0.00 ? 17 LEU A N    1 
ATOM 323 C CA   . LEU A 1 17 ? -0.177  0.744   -0.322  1.00 0.00 ? 17 LEU A CA   1 
ATOM 324 C C    . LEU A 1 17 ? -0.278  0.769   -1.844  1.00 0.00 ? 17 LEU A C    1 
ATOM 325 O O    . LEU A 1 17 ? -0.400  1.816   -2.443  1.00 0.00 ? 17 LEU A O    1 
ATOM 326 C CB   . LEU A 1 17 ? 1.144   0.059   0.066   1.00 0.00 ? 17 LEU A CB   1 
ATOM 327 C CG   . LEU A 1 17 ? 1.783   0.794   1.249   1.00 0.00 ? 17 LEU A CG   1 
ATOM 328 C CD1  . LEU A 1 17 ? 0.895   0.629   2.483   1.00 0.00 ? 17 LEU A CD1  1 
ATOM 329 C CD2  . LEU A 1 17 ? 3.155   0.179   1.533   1.00 0.00 ? 17 LEU A CD2  1 
ATOM 330 H H    . LEU A 1 17 ? -1.154  -0.896  0.688   1.00 0.00 ? 17 LEU A H    1 
ATOM 331 H HA   . LEU A 1 17 ? -0.214  1.763   0.046   1.00 0.00 ? 17 LEU A HA   1 
ATOM 332 H HB2  . LEU A 1 17 ? 0.958   -0.968  0.340   1.00 0.00 ? 17 LEU A HB2  1 
ATOM 333 H HB3  . LEU A 1 17 ? 1.821   0.081   -0.776  1.00 0.00 ? 17 LEU A HB3  1 
ATOM 334 H HG   . LEU A 1 17 ? 1.894   1.843   1.016   1.00 0.00 ? 17 LEU A HG   1 
ATOM 335 H HD11 . LEU A 1 17 ? 0.667   -0.417  2.629   1.00 0.00 ? 17 LEU A HD11 1 
ATOM 336 H HD12 . LEU A 1 17 ? 1.409   1.005   3.356   1.00 0.00 ? 17 LEU A HD12 1 
ATOM 337 H HD13 . LEU A 1 17 ? -0.026  1.177   2.347   1.00 0.00 ? 17 LEU A HD13 1 
ATOM 338 H HD21 . LEU A 1 17 ? 3.785   0.278   0.660   1.00 0.00 ? 17 LEU A HD21 1 
ATOM 339 H HD22 . LEU A 1 17 ? 3.618   0.688   2.366   1.00 0.00 ? 17 LEU A HD22 1 
ATOM 340 H HD23 . LEU A 1 17 ? 3.042   -0.868  1.773   1.00 0.00 ? 17 LEU A HD23 1 
ATOM 341 N N    . LYS A 1 18 ? -0.225  -0.388  -2.442  1.00 0.00 ? 18 LYS A N    1 
ATOM 342 C CA   . LYS A 1 18 ? -0.314  -0.444  -3.925  1.00 0.00 ? 18 LYS A CA   1 
ATOM 343 C C    . LYS A 1 18 ? -1.580  0.248   -4.428  1.00 0.00 ? 18 LYS A C    1 
ATOM 344 O O    . LYS A 1 18 ? -1.738  0.468   -5.613  1.00 0.00 ? 18 LYS A O    1 
ATOM 345 C CB   . LYS A 1 18 ? -0.357  -1.918  -4.348  1.00 0.00 ? 18 LYS A CB   1 
ATOM 346 C CG   . LYS A 1 18 ? 0.900   -2.626  -3.835  1.00 0.00 ? 18 LYS A CG   1 
ATOM 347 C CD   . LYS A 1 18 ? 1.771   -3.030  -5.026  1.00 0.00 ? 18 LYS A CD   1 
ATOM 348 C CE   . LYS A 1 18 ? 3.066   -3.660  -4.509  1.00 0.00 ? 18 LYS A CE   1 
ATOM 349 N NZ   . LYS A 1 18 ? 4.163   -2.652  -4.480  1.00 0.00 ? 18 LYS A NZ   1 
ATOM 350 H H    . LYS A 1 18 ? -0.128  -1.212  -1.919  1.00 0.00 ? 18 LYS A H    1 
ATOM 351 H HA   . LYS A 1 18 ? 0.550   0.054   -4.349  1.00 0.00 ? 18 LYS A HA   1 
ATOM 352 H HB2  . LYS A 1 18 ? -1.235  -2.389  -3.931  1.00 0.00 ? 18 LYS A HB2  1 
ATOM 353 H HB3  . LYS A 1 18 ? -0.397  -1.985  -5.425  1.00 0.00 ? 18 LYS A HB3  1 
ATOM 354 H HG2  . LYS A 1 18 ? 1.453   -1.960  -3.189  1.00 0.00 ? 18 LYS A HG2  1 
ATOM 355 H HG3  . LYS A 1 18 ? 0.617   -3.507  -3.278  1.00 0.00 ? 18 LYS A HG3  1 
ATOM 356 H HD2  . LYS A 1 18 ? 1.240   -3.743  -5.639  1.00 0.00 ? 18 LYS A HD2  1 
ATOM 357 H HD3  . LYS A 1 18 ? 2.004   -2.157  -5.619  1.00 0.00 ? 18 LYS A HD3  1 
ATOM 358 H HE2  . LYS A 1 18 ? 2.909   -4.038  -3.510  1.00 0.00 ? 18 LYS A HE2  1 
ATOM 359 H HE3  . LYS A 1 18 ? 3.355   -4.476  -5.155  1.00 0.00 ? 18 LYS A HE3  1 
ATOM 360 H HZ1  . LYS A 1 18 ? 3.756   -1.696  -4.416  1.00 0.00 ? 18 LYS A HZ1  1 
ATOM 361 H HZ2  . LYS A 1 18 ? 4.771   -2.825  -3.655  1.00 0.00 ? 18 LYS A HZ2  1 
ATOM 362 H HZ3  . LYS A 1 18 ? 4.728   -2.729  -5.349  1.00 0.00 ? 18 LYS A HZ3  1 
ATOM 363 N N    . LYS A 1 19 ? -2.462  0.583   -3.522  1.00 0.00 ? 19 LYS A N    1 
ATOM 364 C CA   . LYS A 1 19 ? -3.715  1.259   -3.950  1.00 0.00 ? 19 LYS A CA   1 
ATOM 365 C C    . LYS A 1 19 ? -3.487  2.740   -4.243  1.00 0.00 ? 19 LYS A C    1 
ATOM 366 O O    . LYS A 1 19 ? -3.922  3.241   -5.262  1.00 0.00 ? 19 LYS A O    1 
ATOM 367 C CB   . LYS A 1 19 ? -4.749  1.135   -2.822  1.00 0.00 ? 19 LYS A CB   1 
ATOM 368 C CG   . LYS A 1 19 ? -6.143  1.428   -3.385  1.00 0.00 ? 19 LYS A CG   1 
ATOM 369 C CD   . LYS A 1 19 ? -7.056  1.910   -2.254  1.00 0.00 ? 19 LYS A CD   1 
ATOM 370 C CE   . LYS A 1 19 ? -8.450  2.199   -2.820  1.00 0.00 ? 19 LYS A CE   1 
ATOM 371 N NZ   . LYS A 1 19 ? -9.389  1.089   -2.491  1.00 0.00 ? 19 LYS A NZ   1 
ATOM 372 H H    . LYS A 1 19 ? -2.302  0.385   -2.573  1.00 0.00 ? 19 LYS A H    1 
ATOM 373 H HA   . LYS A 1 19 ? -4.074  0.780   -4.855  1.00 0.00 ? 19 LYS A HA   1 
ATOM 374 H HB2  . LYS A 1 19 ? -4.723  0.135   -2.415  1.00 0.00 ? 19 LYS A HB2  1 
ATOM 375 H HB3  . LYS A 1 19 ? -4.516  1.842   -2.039  1.00 0.00 ? 19 LYS A HB3  1 
ATOM 376 H HG2  . LYS A 1 19 ? -6.072  2.193   -4.144  1.00 0.00 ? 19 LYS A HG2  1 
ATOM 377 H HG3  . LYS A 1 19 ? -6.553  0.531   -3.824  1.00 0.00 ? 19 LYS A HG3  1 
ATOM 378 H HD2  . LYS A 1 19 ? -7.124  1.147   -1.493  1.00 0.00 ? 19 LYS A HD2  1 
ATOM 379 H HD3  . LYS A 1 19 ? -6.648  2.810   -1.817  1.00 0.00 ? 19 LYS A HD3  1 
ATOM 380 H HE2  . LYS A 1 19 ? -8.829  3.117   -2.397  1.00 0.00 ? 19 LYS A HE2  1 
ATOM 381 H HE3  . LYS A 1 19 ? -8.393  2.304   -3.893  1.00 0.00 ? 19 LYS A HE3  1 
ATOM 382 H HZ1  . LYS A 1 19 ? -8.848  0.256   -2.183  1.00 0.00 ? 19 LYS A HZ1  1 
ATOM 383 H HZ2  . LYS A 1 19 ? -10.027 1.390   -1.726  1.00 0.00 ? 19 LYS A HZ2  1 
ATOM 384 H HZ3  . LYS A 1 19 ? -9.948  0.848   -3.334  1.00 0.00 ? 19 LYS A HZ3  1 
ATOM 385 N N    . ILE A 1 20 ? -2.814  3.420   -3.354  1.00 0.00 ? 20 ILE A N    1 
ATOM 386 C CA   . ILE A 1 20 ? -2.571  4.865   -3.599  1.00 0.00 ? 20 ILE A CA   1 
ATOM 387 C C    . ILE A 1 20 ? -1.524  5.051   -4.694  1.00 0.00 ? 20 ILE A C    1 
ATOM 388 O O    . ILE A 1 20 ? -1.581  6.000   -5.451  1.00 0.00 ? 20 ILE A O    1 
ATOM 389 C CB   . ILE A 1 20 ? -2.087  5.523   -2.300  1.00 0.00 ? 20 ILE A CB   1 
ATOM 390 C CG1  . ILE A 1 20 ? -0.623  5.158   -2.030  1.00 0.00 ? 20 ILE A CG1  1 
ATOM 391 C CG2  . ILE A 1 20 ? -2.946  5.002   -1.135  1.00 0.00 ? 20 ILE A CG2  1 
ATOM 392 C CD1  . ILE A 1 20 ? 0.328   6.134   -2.741  1.00 0.00 ? 20 ILE A CD1  1 
ATOM 393 H H    . ILE A 1 20 ? -2.465  2.985   -2.549  1.00 0.00 ? 20 ILE A H    1 
ATOM 394 H HA   . ILE A 1 20 ? -3.497  5.316   -3.932  1.00 0.00 ? 20 ILE A HA   1 
ATOM 395 H HB   . ILE A 1 20 ? -2.188  6.599   -2.387  1.00 0.00 ? 20 ILE A HB   1 
ATOM 396 H HG12 . ILE A 1 20 ? -0.436  5.191   -0.967  1.00 0.00 ? 20 ILE A HG12 1 
ATOM 397 H HG13 . ILE A 1 20 ? -0.435  4.158   -2.383  1.00 0.00 ? 20 ILE A HG13 1 
ATOM 398 H HG21 . ILE A 1 20 ? -3.932  4.745   -1.494  1.00 0.00 ? 20 ILE A HG21 1 
ATOM 399 H HG22 . ILE A 1 20 ? -2.487  4.127   -0.699  1.00 0.00 ? 20 ILE A HG22 1 
ATOM 400 H HG23 . ILE A 1 20 ? -3.033  5.767   -0.379  1.00 0.00 ? 20 ILE A HG23 1 
ATOM 401 H HD11 . ILE A 1 20 ? -0.220  6.816   -3.371  1.00 0.00 ? 20 ILE A HD11 1 
ATOM 402 H HD12 . ILE A 1 20 ? 0.878   6.700   -2.005  1.00 0.00 ? 20 ILE A HD12 1 
ATOM 403 H HD13 . ILE A 1 20 ? 1.024   5.578   -3.349  1.00 0.00 ? 20 ILE A HD13 1 
ATOM 404 N N    . GLY A 1 21 ? -0.588  4.142   -4.764  1.00 0.00 ? 21 GLY A N    1 
ATOM 405 C CA   . GLY A 1 21 ? 0.467   4.260   -5.810  1.00 0.00 ? 21 GLY A CA   1 
ATOM 406 C C    . GLY A 1 21 ? -0.172  4.255   -7.198  1.00 0.00 ? 21 GLY A C    1 
ATOM 407 O O    . GLY A 1 21 ? 0.451   4.622   -8.175  1.00 0.00 ? 21 GLY A O    1 
ATOM 408 H H    . GLY A 1 21 ? -0.578  3.390   -4.133  1.00 0.00 ? 21 GLY A H    1 
ATOM 409 H HA2  . GLY A 1 21 ? 1.009   5.183   -5.669  1.00 0.00 ? 21 GLY A HA2  1 
ATOM 410 H HA3  . GLY A 1 21 ? 1.149   3.427   -5.728  1.00 0.00 ? 21 GLY A HA3  1 
ATOM 411 N N    . GLN A 1 22 ? -1.405  3.834   -7.253  1.00 0.00 ? 22 GLN A N    1 
ATOM 412 C CA   . GLN A 1 22 ? -2.107  3.795   -8.559  1.00 0.00 ? 22 GLN A CA   1 
ATOM 413 C C    . GLN A 1 22 ? -2.883  5.095   -8.782  1.00 0.00 ? 22 GLN A C    1 
ATOM 414 O O    . GLN A 1 22 ? -3.217  5.445   -9.897  1.00 0.00 ? 22 GLN A O    1 
ATOM 415 C CB   . GLN A 1 22 ? -3.083  2.602   -8.526  1.00 0.00 ? 22 GLN A CB   1 
ATOM 416 C CG   . GLN A 1 22 ? -4.172  2.764   -9.594  1.00 0.00 ? 22 GLN A CG   1 
ATOM 417 C CD   . GLN A 1 22 ? -5.335  3.568   -9.010  1.00 0.00 ? 22 GLN A CD   1 
ATOM 418 O OE1  . GLN A 1 22 ? -5.492  4.742   -9.282  1.00 0.00 ? 22 GLN A OE1  1 
ATOM 419 N NE2  . GLN A 1 22 ? -6.174  2.972   -8.205  1.00 0.00 ? 22 GLN A NE2  1 
ATOM 420 H H    . GLN A 1 22 ? -1.866  3.548   -6.436  1.00 0.00 ? 22 GLN A H    1 
ATOM 421 H HA   . GLN A 1 22 ? -1.371  3.677   -9.347  1.00 0.00 ? 22 GLN A HA   1 
ATOM 422 H HB2  . GLN A 1 22 ? -2.536  1.689   -8.709  1.00 0.00 ? 22 GLN A HB2  1 
ATOM 423 H HB3  . GLN A 1 22 ? -3.545  2.543   -7.550  1.00 0.00 ? 22 GLN A HB3  1 
ATOM 424 H HG2  . GLN A 1 22 ? -3.777  3.274   -10.458 1.00 0.00 ? 22 GLN A HG2  1 
ATOM 425 H HG3  . GLN A 1 22 ? -4.532  1.790   -9.893  1.00 0.00 ? 22 GLN A HG3  1 
ATOM 426 H HE21 . GLN A 1 22 ? -6.051  2.026   -7.984  1.00 0.00 ? 22 GLN A HE21 1 
ATOM 427 H HE22 . GLN A 1 22 ? -6.924  3.472   -7.823  1.00 0.00 ? 22 GLN A HE22 1 
ATOM 428 N N    . LYS A 1 23 ? -3.134  5.799   -7.713  1.00 0.00 ? 23 LYS A N    1 
ATOM 429 C CA   . LYS A 1 23 ? -3.884  7.079   -7.838  1.00 0.00 ? 23 LYS A CA   1 
ATOM 430 C C    . LYS A 1 23 ? -2.951  8.259   -8.134  1.00 0.00 ? 23 LYS A C    1 
ATOM 431 O O    . LYS A 1 23 ? -3.327  9.182   -8.828  1.00 0.00 ? 23 LYS A O    1 
ATOM 432 C CB   . LYS A 1 23 ? -4.604  7.335   -6.503  1.00 0.00 ? 23 LYS A CB   1 
ATOM 433 C CG   . LYS A 1 23 ? -5.577  8.521   -6.635  1.00 0.00 ? 23 LYS A CG   1 
ATOM 434 C CD   . LYS A 1 23 ? -6.998  8.002   -6.884  1.00 0.00 ? 23 LYS A CD   1 
ATOM 435 C CE   . LYS A 1 23 ? -7.663  7.694   -5.541  1.00 0.00 ? 23 LYS A CE   1 
ATOM 436 N NZ   . LYS A 1 23 ? -7.943  8.956   -4.800  1.00 0.00 ? 23 LYS A NZ   1 
ATOM 437 H H    . LYS A 1 23 ? -2.843  5.480   -6.832  1.00 0.00 ? 23 LYS A H    1 
ATOM 438 H HA   . LYS A 1 23 ? -4.597  6.982   -8.651  1.00 0.00 ? 23 LYS A HA   1 
ATOM 439 H HB2  . LYS A 1 23 ? -5.147  6.448   -6.211  1.00 0.00 ? 23 LYS A HB2  1 
ATOM 440 H HB3  . LYS A 1 23 ? -3.872  7.557   -5.740  1.00 0.00 ? 23 LYS A HB3  1 
ATOM 441 H HG2  . LYS A 1 23 ? -5.563  9.096   -5.721  1.00 0.00 ? 23 LYS A HG2  1 
ATOM 442 H HG3  . LYS A 1 23 ? -5.277  9.159   -7.451  1.00 0.00 ? 23 LYS A HG3  1 
ATOM 443 H HD2  . LYS A 1 23 ? -7.571  8.755   -7.404  1.00 0.00 ? 23 LYS A HD2  1 
ATOM 444 H HD3  . LYS A 1 23 ? -6.965  7.106   -7.488  1.00 0.00 ? 23 LYS A HD3  1 
ATOM 445 H HE2  . LYS A 1 23 ? -8.592  7.168   -5.707  1.00 0.00 ? 23 LYS A HE2  1 
ATOM 446 H HE3  . LYS A 1 23 ? -7.009  7.073   -4.946  1.00 0.00 ? 23 LYS A HE3  1 
ATOM 447 H HZ1  . LYS A 1 23 ? -8.308  9.670   -5.461  1.00 0.00 ? 23 LYS A HZ1  1 
ATOM 448 H HZ2  . LYS A 1 23 ? -8.650  8.774   -4.059  1.00 0.00 ? 23 LYS A HZ2  1 
ATOM 449 H HZ3  . LYS A 1 23 ? -7.064  9.303   -4.365  1.00 0.00 ? 23 LYS A HZ3  1 
ATOM 450 N N    . ILE A 1 24 ? -1.755  8.214   -7.609  1.00 0.00 ? 24 ILE A N    1 
ATOM 451 C CA   . ILE A 1 24 ? -0.811  9.338   -7.866  1.00 0.00 ? 24 ILE A CA   1 
ATOM 452 C C    . ILE A 1 24 ? -0.201  9.268   -9.271  1.00 0.00 ? 24 ILE A C    1 
ATOM 453 O O    . ILE A 1 24 ? 0.025   10.285  -9.895  1.00 0.00 ? 24 ILE A O    1 
ATOM 454 C CB   . ILE A 1 24 ? 0.316   9.276   -6.830  1.00 0.00 ? 24 ILE A CB   1 
ATOM 455 C CG1  . ILE A 1 24 ? 0.788   7.837   -6.646  1.00 0.00 ? 24 ILE A CG1  1 
ATOM 456 C CG2  . ILE A 1 24 ? -0.223  9.787   -5.486  1.00 0.00 ? 24 ILE A CG2  1 
ATOM 457 C CD1  . ILE A 1 24 ? 2.296   7.835   -6.390  1.00 0.00 ? 24 ILE A CD1  1 
ATOM 458 H H    . ILE A 1 24 ? -1.484  7.457   -7.049  1.00 0.00 ? 24 ILE A H    1 
ATOM 459 H HA   . ILE A 1 24 ? -1.358  10.271  -7.773  1.00 0.00 ? 24 ILE A HA   1 
ATOM 460 H HB   . ILE A 1 24 ? 1.146   9.884   -7.171  1.00 0.00 ? 24 ILE A HB   1 
ATOM 461 H HG12 . ILE A 1 24 ? 0.278   7.393   -5.805  1.00 0.00 ? 24 ILE A HG12 1 
ATOM 462 H HG13 . ILE A 1 24 ? 0.573   7.264   -7.536  1.00 0.00 ? 24 ILE A HG13 1 
ATOM 463 H HG21 . ILE A 1 24 ? -1.129  9.257   -5.229  1.00 0.00 ? 24 ILE A HG21 1 
ATOM 464 H HG22 . ILE A 1 24 ? 0.513   9.625   -4.713  1.00 0.00 ? 24 ILE A HG22 1 
ATOM 465 H HG23 . ILE A 1 24 ? -0.439  10.843  -5.556  1.00 0.00 ? 24 ILE A HG23 1 
ATOM 466 H HD11 . ILE A 1 24 ? 2.554   8.649   -5.729  1.00 0.00 ? 24 ILE A HD11 1 
ATOM 467 H HD12 . ILE A 1 24 ? 2.586   6.901   -5.933  1.00 0.00 ? 24 ILE A HD12 1 
ATOM 468 H HD13 . ILE A 1 24 ? 2.823   7.954   -7.324  1.00 0.00 ? 24 ILE A HD13 1 
ATOM 469 N N    . GLN A 1 25 ? 0.055   8.077   -9.745  1.00 0.00 ? 25 GLN A N    1 
ATOM 470 C CA   . GLN A 1 25 ? 0.650   7.947   -11.105 1.00 0.00 ? 25 GLN A CA   1 
ATOM 471 C C    . GLN A 1 25 ? -0.285  8.500   -12.179 1.00 0.00 ? 25 GLN A C    1 
ATOM 472 O O    . GLN A 1 25 ? 0.112   8.687   -13.312 1.00 0.00 ? 25 GLN A O    1 
ATOM 473 C CB   . GLN A 1 25 ? 0.889   6.458   -11.387 1.00 0.00 ? 25 GLN A CB   1 
ATOM 474 C CG   . GLN A 1 25 ? -0.460  5.751   -11.526 1.00 0.00 ? 25 GLN A CG   1 
ATOM 475 C CD   . GLN A 1 25 ? -0.875  5.736   -12.998 1.00 0.00 ? 25 GLN A CD   1 
ATOM 476 O OE1  . GLN A 1 25 ? -1.575  6.612   -13.468 1.00 0.00 ? 25 GLN A OE1  1 
ATOM 477 N NE2  . GLN A 1 25 ? -0.467  4.759   -13.761 1.00 0.00 ? 25 GLN A NE2  1 
ATOM 478 H H    . GLN A 1 25 ? -0.139  7.279   -9.215  1.00 0.00 ? 25 GLN A H    1 
ATOM 479 H HA   . GLN A 1 25 ? 1.585   8.497   -11.135 1.00 0.00 ? 25 GLN A HA   1 
ATOM 480 H HB2  . GLN A 1 25 ? 1.453   6.347   -12.301 1.00 0.00 ? 25 GLN A HB2  1 
ATOM 481 H HB3  . GLN A 1 25 ? 1.445   6.019   -10.572 1.00 0.00 ? 25 GLN A HB3  1 
ATOM 482 H HG2  . GLN A 1 25 ? -0.377  4.736   -11.172 1.00 0.00 ? 25 GLN A HG2  1 
ATOM 483 H HG3  . GLN A 1 25 ? -1.210  6.273   -10.949 1.00 0.00 ? 25 GLN A HG3  1 
ATOM 484 H HE21 . GLN A 1 25 ? 0.098   4.050   -13.387 1.00 0.00 ? 25 GLN A HE21 1 
ATOM 485 H HE22 . GLN A 1 25 ? -0.727  4.733   -14.705 1.00 0.00 ? 25 GLN A HE22 1 
ATOM 486 N N    . GLY A 1 26 ? -1.508  8.754   -11.805 1.00 0.00 ? 26 GLY A N    1 
ATOM 487 C CA   . GLY A 1 26 ? -2.476  9.297   -12.802 1.00 0.00 ? 26 GLY A CA   1 
ATOM 488 C C    . GLY A 1 26 ? -2.399  10.824  -12.850 1.00 0.00 ? 26 GLY A C    1 
ATOM 489 O O    . GLY A 1 26 ? -2.564  11.424  -13.894 1.00 0.00 ? 26 GLY A O    1 
ATOM 490 H H    . GLY A 1 26 ? -1.788  8.592   -10.879 1.00 0.00 ? 26 GLY A H    1 
ATOM 491 H HA2  . GLY A 1 26 ? -2.242  8.898   -13.778 1.00 0.00 ? 26 GLY A HA2  1 
ATOM 492 H HA3  . GLY A 1 26 ? -3.477  8.998   -12.527 1.00 0.00 ? 26 GLY A HA3  1 
ATOM 493 N N    . LEU A 1 27 ? -2.154  11.420  -11.717 1.00 0.00 ? 27 LEU A N    1 
ATOM 494 C CA   . LEU A 1 27 ? -2.063  12.904  -11.674 1.00 0.00 ? 27 LEU A CA   1 
ATOM 495 C C    . LEU A 1 27 ? -0.663  13.389  -12.060 1.00 0.00 ? 27 LEU A C    1 
ATOM 496 O O    . LEU A 1 27 ? -0.519  14.367  -12.767 1.00 0.00 ? 27 LEU A O    1 
ATOM 497 C CB   . LEU A 1 27 ? -2.379  13.351  -10.237 1.00 0.00 ? 27 LEU A CB   1 
ATOM 498 C CG   . LEU A 1 27 ? -2.250  14.876  -10.112 1.00 0.00 ? 27 LEU A CG   1 
ATOM 499 C CD1  . LEU A 1 27 ? -3.155  15.555  -11.143 1.00 0.00 ? 27 LEU A CD1  1 
ATOM 500 C CD2  . LEU A 1 27 ? -2.691  15.298  -8.708  1.00 0.00 ? 27 LEU A CD2  1 
ATOM 501 H H    . LEU A 1 27 ? -2.042  10.893  -10.899 1.00 0.00 ? 27 LEU A H    1 
ATOM 502 H HA   . LEU A 1 27 ? -2.781  13.314  -12.374 1.00 0.00 ? 27 LEU A HA   1 
ATOM 503 H HB2  . LEU A 1 27 ? -3.384  13.053  -9.982  1.00 0.00 ? 27 LEU A HB2  1 
ATOM 504 H HB3  . LEU A 1 27 ? -1.689  12.876  -9.555  1.00 0.00 ? 27 LEU A HB3  1 
ATOM 505 H HG   . LEU A 1 27 ? -1.226  15.173  -10.272 1.00 0.00 ? 27 LEU A HG   1 
ATOM 506 H HD11 . LEU A 1 27 ? -4.050  14.966  -11.285 1.00 0.00 ? 27 LEU A HD11 1 
ATOM 507 H HD12 . LEU A 1 27 ? -3.430  16.540  -10.795 1.00 0.00 ? 27 LEU A HD12 1 
ATOM 508 H HD13 . LEU A 1 27 ? -2.634  15.642  -12.084 1.00 0.00 ? 27 LEU A HD13 1 
ATOM 509 H HD21 . LEU A 1 27 ? -2.142  14.734  -7.968  1.00 0.00 ? 27 LEU A HD21 1 
ATOM 510 H HD22 . LEU A 1 27 ? -2.500  16.351  -8.567  1.00 0.00 ? 27 LEU A HD22 1 
ATOM 511 H HD23 . LEU A 1 27 ? -3.749  15.110  -8.586  1.00 0.00 ? 27 LEU A HD23 1 
ATOM 512 N N    . LEU A 1 28 ? 0.343   12.696  -11.592 1.00 0.00 ? 28 LEU A N    1 
ATOM 513 C CA   . LEU A 1 28 ? 1.735   13.107  -11.923 1.00 0.00 ? 28 LEU A CA   1 
ATOM 514 C C    . LEU A 1 28 ? 1.894   13.556  -13.390 1.00 0.00 ? 28 LEU A C    1 
ATOM 515 O O    . LEU A 1 28 ? 2.336   14.660  -13.635 1.00 0.00 ? 28 LEU A O    1 
ATOM 516 C CB   . LEU A 1 28 ? 2.688   11.931  -11.636 1.00 0.00 ? 28 LEU A CB   1 
ATOM 517 C CG   . LEU A 1 28 ? 3.520   12.228  -10.380 1.00 0.00 ? 28 LEU A CG   1 
ATOM 518 C CD1  . LEU A 1 28 ? 2.618   12.156  -9.145  1.00 0.00 ? 28 LEU A CD1  1 
ATOM 519 C CD2  . LEU A 1 28 ? 4.621   11.174  -10.252 1.00 0.00 ? 28 LEU A CD2  1 
ATOM 520 H H    . LEU A 1 28 ? 0.183   11.924  -11.012 1.00 0.00 ? 28 LEU A H    1 
ATOM 521 H HA   . LEU A 1 28 ? 1.984   13.953  -11.294 1.00 0.00 ? 28 LEU A HA   1 
ATOM 522 H HB2  . LEU A 1 28 ? 2.115   11.030  -11.477 1.00 0.00 ? 28 LEU A HB2  1 
ATOM 523 H HB3  . LEU A 1 28 ? 3.351   11.788  -12.475 1.00 0.00 ? 28 LEU A HB3  1 
ATOM 524 H HG   . LEU A 1 28 ? 3.968   13.208  -10.452 1.00 0.00 ? 28 LEU A HG   1 
ATOM 525 H HD11 . LEU A 1 28 ? 2.187   11.169  -9.066  1.00 0.00 ? 28 LEU A HD11 1 
ATOM 526 H HD12 . LEU A 1 28 ? 3.199   12.361  -8.258  1.00 0.00 ? 28 LEU A HD12 1 
ATOM 527 H HD13 . LEU A 1 28 ? 1.826   12.884  -9.226  1.00 0.00 ? 28 LEU A HD13 1 
ATOM 528 H HD21 . LEU A 1 28 ? 4.246   10.213  -10.575 1.00 0.00 ? 28 LEU A HD21 1 
ATOM 529 H HD22 . LEU A 1 28 ? 5.464   11.451  -10.869 1.00 0.00 ? 28 LEU A HD22 1 
ATOM 530 H HD23 . LEU A 1 28 ? 4.942   11.103  -9.224  1.00 0.00 ? 28 LEU A HD23 1 
ATOM 531 N N    . PRO A 1 29 ? 1.541   12.717  -14.353 1.00 0.00 ? 29 PRO A N    1 
ATOM 532 C CA   . PRO A 1 29 ? 1.677   13.102  -15.770 1.00 0.00 ? 29 PRO A CA   1 
ATOM 533 C C    . PRO A 1 29 ? 1.073   14.477  -16.060 1.00 0.00 ? 29 PRO A C    1 
ATOM 534 O O    . PRO A 1 29 ? 1.555   15.197  -16.911 1.00 0.00 ? 29 PRO A O    1 
ATOM 535 C CB   . PRO A 1 29 ? 0.923   12.010  -16.546 1.00 0.00 ? 29 PRO A CB   1 
ATOM 536 C CG   . PRO A 1 29 ? 0.575   10.881  -15.545 1.00 0.00 ? 29 PRO A CG   1 
ATOM 537 C CD   . PRO A 1 29 ? 0.987   11.356  -14.143 1.00 0.00 ? 29 PRO A CD   1 
ATOM 538 H HA   . PRO A 1 29 ? 2.725   13.108  -16.037 1.00 0.00 ? 29 PRO A HA   1 
ATOM 539 H HB2  . PRO A 1 29 ? 0.017   12.418  -16.969 1.00 0.00 ? 29 PRO A HB2  1 
ATOM 540 H HB3  . PRO A 1 29 ? 1.548   11.623  -17.336 1.00 0.00 ? 29 PRO A HB3  1 
ATOM 541 H HG2  . PRO A 1 29 ? -0.485  10.680  -15.570 1.00 0.00 ? 29 PRO A HG2  1 
ATOM 542 H HG3  . PRO A 1 29 ? 1.118   9.983   -15.803 1.00 0.00 ? 29 PRO A HG3  1 
ATOM 543 H HD2  . PRO A 1 29 ? 0.128   11.384  -13.499 1.00 0.00 ? 29 PRO A HD2  1 
ATOM 544 H HD3  . PRO A 1 29 ? 1.740   10.701  -13.739 1.00 0.00 ? 29 PRO A HD3  1 
ATOM 545 N N    . LYS A 1 30 ? 0.031   14.818  -15.355 1.00 0.00 ? 30 LYS A N    1 
ATOM 546 C CA   . LYS A 1 30 ? -0.598  16.144  -15.592 1.00 0.00 ? 30 LYS A CA   1 
ATOM 547 C C    . LYS A 1 30 ? 0.133   17.236  -14.812 1.00 0.00 ? 30 LYS A C    1 
ATOM 548 O O    . LYS A 1 30 ? 0.467   18.271  -15.352 1.00 0.00 ? 30 LYS A O    1 
ATOM 549 C CB   . LYS A 1 30 ? -2.057  16.089  -15.117 1.00 0.00 ? 30 LYS A CB   1 
ATOM 550 C CG   . LYS A 1 30 ? -2.966  15.755  -16.304 1.00 0.00 ? 30 LYS A CG   1 
ATOM 551 C CD   . LYS A 1 30 ? -4.425  15.778  -15.839 1.00 0.00 ? 30 LYS A CD   1 
ATOM 552 C CE   . LYS A 1 30 ? -5.235  14.773  -16.663 1.00 0.00 ? 30 LYS A CE   1 
ATOM 553 N NZ   . LYS A 1 30 ? -5.160  13.417  -16.053 1.00 0.00 ? 30 LYS A NZ   1 
ATOM 554 H H    . LYS A 1 30 ? -0.335  14.206  -14.686 1.00 0.00 ? 30 LYS A H    1 
ATOM 555 H HA   . LYS A 1 30 ? -0.542  16.374  -16.652 1.00 0.00 ? 30 LYS A HA   1 
ATOM 556 H HB2  . LYS A 1 30 ? -2.161  15.330  -14.357 1.00 0.00 ? 30 LYS A HB2  1 
ATOM 557 H HB3  . LYS A 1 30 ? -2.339  17.046  -14.704 1.00 0.00 ? 30 LYS A HB3  1 
ATOM 558 H HG2  . LYS A 1 30 ? -2.826  16.485  -17.088 1.00 0.00 ? 30 LYS A HG2  1 
ATOM 559 H HG3  . LYS A 1 30 ? -2.720  14.775  -16.685 1.00 0.00 ? 30 LYS A HG3  1 
ATOM 560 H HD2  . LYS A 1 30 ? -4.476  15.514  -14.793 1.00 0.00 ? 30 LYS A HD2  1 
ATOM 561 H HD3  . LYS A 1 30 ? -4.833  16.769  -15.974 1.00 0.00 ? 30 LYS A HD3  1 
ATOM 562 H HE2  . LYS A 1 30 ? -6.268  15.086  -16.700 1.00 0.00 ? 30 LYS A HE2  1 
ATOM 563 H HE3  . LYS A 1 30 ? -4.844  14.730  -17.669 1.00 0.00 ? 30 LYS A HE3  1 
ATOM 564 H HZ1  . LYS A 1 30 ? -4.690  13.478  -15.126 1.00 0.00 ? 30 LYS A HZ1  1 
ATOM 565 H HZ2  . LYS A 1 30 ? -6.122  13.039  -15.929 1.00 0.00 ? 30 LYS A HZ2  1 
ATOM 566 H HZ3  . LYS A 1 30 ? -4.617  12.786  -16.676 1.00 0.00 ? 30 LYS A HZ3  1 
ATOM 567 N N    . LEU A 1 31 ? 0.368   16.984  -13.551 1.00 0.00 ? 31 LEU A N    1 
ATOM 568 C CA   . LEU A 1 31 ? 1.076   17.993  -12.719 1.00 0.00 ? 31 LEU A CA   1 
ATOM 569 C C    . LEU A 1 31 ? 2.577   17.968  -12.998 1.00 0.00 ? 31 LEU A C    1 
ATOM 570 O O    . LEU A 1 31 ? 3.159   18.968  -13.369 1.00 0.00 ? 31 LEU A O    1 
ATOM 571 C CB   . LEU A 1 31 ? 0.842   17.644  -11.242 1.00 0.00 ? 31 LEU A CB   1 
ATOM 572 C CG   . LEU A 1 31 ? 0.455   18.905  -10.464 1.00 0.00 ? 31 LEU A CG   1 
ATOM 573 C CD1  . LEU A 1 31 ? -1.026  19.212  -10.701 1.00 0.00 ? 31 LEU A CD1  1 
ATOM 574 C CD2  . LEU A 1 31 ? 0.682   18.660  -8.970  1.00 0.00 ? 31 LEU A CD2  1 
ATOM 575 H H    . LEU A 1 31 ? 0.076   16.137  -13.154 1.00 0.00 ? 31 LEU A H    1 
ATOM 576 H HA   . LEU A 1 31 ? 0.688   18.979  -12.955 1.00 0.00 ? 31 LEU A HA   1 
ATOM 577 H HB2  . LEU A 1 31 ? 0.048   16.916  -11.166 1.00 0.00 ? 31 LEU A HB2  1 
ATOM 578 H HB3  . LEU A 1 31 ? 1.744   17.225  -10.822 1.00 0.00 ? 31 LEU A HB3  1 
ATOM 579 H HG   . LEU A 1 31 ? 1.059   19.740  -10.791 1.00 0.00 ? 31 LEU A HG   1 
ATOM 580 H HD11 . LEU A 1 31 ? -1.290  18.974  -11.720 1.00 0.00 ? 31 LEU A HD11 1 
ATOM 581 H HD12 . LEU A 1 31 ? -1.632  18.619  -10.031 1.00 0.00 ? 31 LEU A HD12 1 
ATOM 582 H HD13 . LEU A 1 31 ? -1.216  20.259  -10.520 1.00 0.00 ? 31 LEU A HD13 1 
ATOM 583 H HD21 . LEU A 1 31 ? 0.392   17.651  -8.718  1.00 0.00 ? 31 LEU A HD21 1 
ATOM 584 H HD22 . LEU A 1 31 ? 1.726   18.800  -8.731  1.00 0.00 ? 31 LEU A HD22 1 
ATOM 585 H HD23 . LEU A 1 31 ? 0.090   19.356  -8.393  1.00 0.00 ? 31 LEU A HD23 1 
ATOM 586 N N    . ALA A 1 32 ? 3.176   16.824  -12.813 1.00 0.00 ? 32 ALA A N    1 
ATOM 587 C CA   . ALA A 1 32 ? 4.637   16.717  -13.063 1.00 0.00 ? 32 ALA A CA   1 
ATOM 588 C C    . ALA A 1 32 ? 5.004   15.317  -13.550 1.00 0.00 ? 32 ALA A C    1 
ATOM 589 O O    . ALA A 1 32 ? 5.302   14.505  -12.689 1.00 0.00 ? 32 ALA A O    1 
ATOM 590 C CB   . ALA A 1 32 ? 5.377   16.990  -11.748 1.00 0.00 ? 32 ALA A CB   1 
ATOM 591 O OXT  . ALA A 1 32 ? 4.965   15.135  -14.756 1.00 0.00 ? 32 ALA A OXT  1 
ATOM 592 H H    . ALA A 1 32 ? 2.668   16.042  -12.511 1.00 0.00 ? 32 ALA A H    1 
ATOM 593 H HA   . ALA A 1 32 ? 4.920   17.440  -13.822 1.00 0.00 ? 32 ALA A HA   1 
ATOM 594 H HB1  . ALA A 1 32 ? 4.850   16.523  -10.928 1.00 0.00 ? 32 ALA A HB1  1 
ATOM 595 H HB2  . ALA A 1 32 ? 6.378   16.588  -11.802 1.00 0.00 ? 32 ALA A HB2  1 
ATOM 596 H HB3  . ALA A 1 32 ? 5.431   18.055  -11.575 1.00 0.00 ? 32 ALA A HB3  1 
# 
